data_6ADU
#
_entry.id   6ADU
#
_cell.length_a   87.773
_cell.length_b   256.546
_cell.length_c   36.043
_cell.angle_alpha   90.00
_cell.angle_beta   90.00
_cell.angle_gamma   90.00
#
_symmetry.space_group_name_H-M   'P 21 21 2'
#
loop_
_entity.id
_entity.type
_entity.pdbx_description
1 polymer acyclase
2 non-polymer (3~{Z})-3-(1-methylpyrrolidin-2-ylidene)indole
3 non-polymer 2-AMINO-2-HYDROXYMETHYL-PROPANE-1,3-DIOL
4 non-polymer 'CALCIUM ION'
5 non-polymer 'MAGNESIUM ION'
6 water water
#
_entity_poly.entity_id   1
_entity_poly.type   'polypeptide(L)'
_entity_poly.pdbx_seq_one_letter_code
;MKRKLIVAVVCLIFICFGINTPAHATSVVSIPINNAGFEDPFIEVVDDYTVDTPPGWTTYNPNNLVPEKRTTWTSNNGVG
YVGPGTQFYNQLAPEGRNIGYIYLAQKPGSGVAGFEQILDATLEPDTNYTLKVDVGNLAGTFKGLSFAGFPGYRVELLAG
DTVLAADHNNLFIKEGEFKTSTVTYTSTAKDLHLGQKLGIRLVNLLQDKFSGLDFDNVRLTAEPTEA
;
_entity_poly.pdbx_strand_id   A,B,C,D
#
# COMPACT_ATOMS: atom_id res chain seq x y z
N SER A 27 2.52 -31.05 35.75
CA SER A 27 1.98 -32.11 34.84
C SER A 27 1.51 -31.51 33.51
N VAL A 28 1.75 -30.20 33.32
CA VAL A 28 1.34 -29.46 32.11
C VAL A 28 2.31 -29.79 30.97
N VAL A 29 1.73 -30.07 29.80
CA VAL A 29 2.46 -30.52 28.67
C VAL A 29 2.22 -29.55 27.50
N SER A 30 3.29 -29.18 26.80
CA SER A 30 3.23 -28.37 25.58
C SER A 30 2.79 -29.21 24.38
N ILE A 31 1.75 -28.77 23.66
CA ILE A 31 1.38 -29.42 22.42
C ILE A 31 2.10 -28.72 21.27
N PRO A 32 2.98 -29.43 20.54
CA PRO A 32 3.73 -28.80 19.46
C PRO A 32 2.85 -28.31 18.30
N ILE A 33 3.20 -27.12 17.82
CA ILE A 33 2.52 -26.45 16.73
C ILE A 33 3.60 -25.96 15.77
N ASN A 34 3.40 -26.20 14.47
CA ASN A 34 4.38 -25.72 13.47
C ASN A 34 4.30 -24.20 13.33
N ASN A 35 5.47 -23.54 13.30
CA ASN A 35 5.57 -22.13 12.98
C ASN A 35 4.60 -21.31 13.82
N ALA A 36 4.64 -21.55 15.12
CA ALA A 36 3.64 -21.09 16.06
C ALA A 36 3.80 -19.60 16.33
N GLY A 37 5.00 -19.05 16.12
CA GLY A 37 5.20 -17.59 16.19
C GLY A 37 5.45 -16.94 14.85
N PHE A 38 5.05 -17.61 13.76
CA PHE A 38 5.18 -17.07 12.40
C PHE A 38 6.59 -16.55 12.08
N GLU A 39 7.63 -17.16 12.67
CA GLU A 39 9.03 -16.75 12.51
C GLU A 39 9.56 -17.19 11.14
N ASP A 40 8.87 -18.16 10.50
CA ASP A 40 9.15 -18.52 9.08
C ASP A 40 8.11 -17.88 8.16
N PRO A 41 8.53 -17.17 7.10
CA PRO A 41 9.91 -16.94 6.72
C PRO A 41 10.59 -15.77 7.46
N PHE A 42 11.93 -15.79 7.49
CA PHE A 42 12.69 -14.61 7.92
C PHE A 42 12.38 -13.40 7.04
N ILE A 43 12.17 -12.23 7.66
CA ILE A 43 11.99 -10.97 7.03
C ILE A 43 13.11 -10.03 7.49
N GLU A 44 13.76 -9.37 6.51
CA GLU A 44 14.96 -8.57 6.75
C GLU A 44 14.59 -7.18 7.24
N VAL A 45 13.71 -6.49 6.54
CA VAL A 45 13.47 -5.08 6.74
C VAL A 45 12.20 -4.85 7.58
N VAL A 46 12.35 -4.07 8.66
CA VAL A 46 11.22 -3.75 9.53
C VAL A 46 10.02 -3.25 8.68
N ASP A 47 8.84 -3.80 9.01
CA ASP A 47 7.59 -3.43 8.47
C ASP A 47 7.36 -4.07 7.10
N ASP A 48 8.30 -4.87 6.63
CA ASP A 48 8.11 -5.67 5.42
C ASP A 48 7.27 -6.91 5.77
N TYR A 49 6.83 -7.63 4.74
CA TYR A 49 5.83 -8.69 4.91
C TYR A 49 5.68 -9.50 3.62
N THR A 50 5.22 -10.74 3.77
CA THR A 50 4.81 -11.65 2.69
C THR A 50 3.29 -11.56 2.46
N VAL A 51 2.82 -12.03 1.29
CA VAL A 51 1.42 -12.08 1.01
C VAL A 51 1.00 -13.53 0.70
N ASP A 52 1.76 -14.52 1.14
CA ASP A 52 1.40 -15.93 1.01
C ASP A 52 1.25 -16.60 2.37
N THR A 53 0.43 -17.68 2.37
CA THR A 53 0.15 -18.42 3.56
C THR A 53 1.45 -18.82 4.22
N PRO A 54 1.68 -18.46 5.51
CA PRO A 54 2.88 -18.85 6.22
C PRO A 54 3.05 -20.36 6.26
N PRO A 55 4.27 -20.88 6.08
CA PRO A 55 4.51 -22.30 6.19
C PRO A 55 4.03 -22.93 7.50
N GLY A 56 3.44 -24.13 7.37
CA GLY A 56 2.90 -24.84 8.46
C GLY A 56 1.42 -24.53 8.73
N TRP A 57 0.91 -23.44 8.17
CA TRP A 57 -0.48 -23.00 8.33
C TRP A 57 -1.21 -23.18 7.00
N THR A 58 -2.55 -23.19 7.04
CA THR A 58 -3.37 -23.05 5.88
C THR A 58 -4.23 -21.80 6.08
N THR A 59 -4.75 -21.26 4.97
CA THR A 59 -5.67 -20.14 4.96
C THR A 59 -7.08 -20.68 5.24
N TYR A 60 -7.65 -20.29 6.38
CA TYR A 60 -9.05 -20.54 6.66
C TYR A 60 -9.88 -19.59 5.81
N ASN A 61 -10.74 -20.13 4.95
CA ASN A 61 -11.26 -19.33 3.88
C ASN A 61 -12.71 -19.71 3.60
N PRO A 62 -13.60 -19.78 4.62
CA PRO A 62 -14.94 -20.36 4.43
C PRO A 62 -15.82 -19.50 3.48
N ASN A 63 -15.46 -18.25 3.19
CA ASN A 63 -16.28 -17.37 2.32
C ASN A 63 -15.51 -16.98 1.06
N ASN A 64 -14.38 -17.67 0.82
CA ASN A 64 -13.51 -17.43 -0.37
C ASN A 64 -13.10 -15.95 -0.49
N LEU A 65 -12.98 -15.23 0.62
CA LEU A 65 -12.60 -13.79 0.60
C LEU A 65 -11.15 -13.60 0.15
N VAL A 66 -10.28 -14.58 0.43
CA VAL A 66 -8.87 -14.45 0.19
C VAL A 66 -8.54 -15.22 -1.09
N PRO A 67 -7.96 -14.56 -2.11
CA PRO A 67 -7.68 -15.22 -3.38
C PRO A 67 -6.48 -16.16 -3.29
N GLU A 68 -6.47 -17.15 -4.18
CA GLU A 68 -5.34 -18.06 -4.27
C GLU A 68 -4.02 -17.30 -4.56
N LYS A 69 -4.07 -16.35 -5.49
CA LYS A 69 -2.93 -15.55 -5.90
C LYS A 69 -3.17 -14.15 -5.36
N ARG A 70 -2.32 -13.76 -4.41
CA ARG A 70 -2.53 -12.46 -3.71
C ARG A 70 -1.51 -11.45 -4.21
N THR A 71 -1.91 -10.19 -4.09
CA THR A 71 -1.07 -9.05 -4.37
C THR A 71 -1.17 -8.14 -3.13
N THR A 72 -0.47 -7.01 -3.20
CA THR A 72 -0.49 -6.00 -2.15
C THR A 72 -1.82 -5.23 -2.18
N TRP A 73 -2.58 -5.38 -3.29
CA TRP A 73 -3.90 -4.78 -3.53
C TRP A 73 -5.07 -5.66 -3.06
N THR A 74 -4.88 -6.96 -2.82
CA THR A 74 -6.00 -7.86 -2.55
C THR A 74 -6.11 -8.15 -1.06
N SER A 75 -7.18 -8.85 -0.67
CA SER A 75 -7.16 -9.59 0.60
C SER A 75 -5.95 -10.51 0.59
N ASN A 76 -5.29 -10.69 1.75
CA ASN A 76 -4.10 -11.44 1.87
C ASN A 76 -3.86 -11.82 3.32
N ASN A 77 -3.01 -12.82 3.49
CA ASN A 77 -2.43 -13.18 4.77
C ASN A 77 -0.95 -13.44 4.55
N GLY A 78 -0.18 -13.49 5.64
CA GLY A 78 1.26 -13.69 5.57
C GLY A 78 1.91 -13.40 6.89
N VAL A 79 3.23 -13.14 6.87
CA VAL A 79 3.96 -12.77 8.07
C VAL A 79 4.47 -11.35 7.87
N GLY A 80 4.78 -10.70 8.99
CA GLY A 80 5.19 -9.25 9.00
C GLY A 80 6.14 -9.00 10.15
N TYR A 81 7.21 -8.27 9.86
CA TYR A 81 8.32 -8.04 10.80
C TYR A 81 7.96 -6.80 11.62
N VAL A 82 7.67 -7.01 12.91
CA VAL A 82 7.34 -5.94 13.84
C VAL A 82 8.59 -5.82 14.72
N GLY A 83 9.53 -5.05 14.23
CA GLY A 83 10.80 -4.87 14.84
C GLY A 83 11.03 -3.40 15.21
N PRO A 84 12.23 -3.10 15.73
CA PRO A 84 12.55 -1.75 16.16
C PRO A 84 12.22 -0.74 15.06
N GLY A 85 11.41 0.26 15.43
CA GLY A 85 11.08 1.34 14.54
C GLY A 85 9.79 1.07 13.76
N THR A 86 9.04 0.05 14.17
CA THR A 86 7.80 -0.27 13.50
C THR A 86 6.91 0.98 13.52
N GLN A 87 6.20 1.17 12.41
CA GLN A 87 5.23 2.22 12.27
C GLN A 87 3.88 1.72 12.80
N PHE A 88 3.77 0.48 13.26
CA PHE A 88 2.43 -0.13 13.39
C PHE A 88 1.97 -0.33 14.84
N TYR A 89 2.93 -0.42 15.77
CA TYR A 89 2.70 -0.82 17.14
C TYR A 89 3.59 0.00 18.07
N ASN A 90 3.18 0.04 19.34
CA ASN A 90 3.85 0.72 20.43
C ASN A 90 4.68 -0.28 21.22
N GLN A 91 4.96 -1.44 20.62
CA GLN A 91 5.71 -2.50 21.19
C GLN A 91 6.21 -3.34 20.02
N LEU A 92 7.11 -4.27 20.29
CA LEU A 92 7.61 -5.19 19.29
C LEU A 92 6.65 -6.40 19.17
N ALA A 93 6.95 -7.34 18.27
CA ALA A 93 6.19 -8.55 18.19
C ALA A 93 6.13 -9.18 19.58
N PRO A 94 4.98 -9.78 19.96
CA PRO A 94 4.88 -10.56 21.19
C PRO A 94 5.96 -11.61 21.36
N GLU A 95 6.47 -12.16 20.25
CA GLU A 95 7.50 -13.24 20.27
C GLU A 95 8.37 -13.10 19.01
N GLY A 96 9.69 -13.20 19.15
CA GLY A 96 10.63 -13.12 18.01
C GLY A 96 10.47 -11.84 17.21
N ARG A 97 10.57 -11.95 15.87
CA ARG A 97 10.56 -10.84 14.94
C ARG A 97 9.18 -10.57 14.29
N ASN A 98 8.41 -11.64 14.04
CA ASN A 98 7.29 -11.62 13.15
C ASN A 98 5.97 -11.89 13.88
N ILE A 99 4.91 -11.43 13.20
CA ILE A 99 3.51 -11.77 13.49
C ILE A 99 2.88 -12.35 12.21
N GLY A 100 1.73 -13.02 12.33
CA GLY A 100 0.90 -13.44 11.19
C GLY A 100 -0.26 -12.48 11.07
N TYR A 101 -0.50 -11.94 9.87
CA TYR A 101 -1.57 -10.99 9.65
C TYR A 101 -2.56 -11.62 8.68
N ILE A 102 -3.82 -11.22 8.85
CA ILE A 102 -4.88 -11.48 7.88
C ILE A 102 -5.53 -10.16 7.56
N TYR A 103 -5.52 -9.75 6.28
CA TYR A 103 -6.14 -8.50 5.85
C TYR A 103 -7.25 -8.81 4.85
N LEU A 104 -8.45 -8.28 5.12
CA LEU A 104 -9.61 -8.46 4.20
C LEU A 104 -10.02 -7.11 3.61
N ALA A 105 -9.98 -7.06 2.27
CA ALA A 105 -10.30 -5.89 1.50
C ALA A 105 -11.81 -5.69 1.35
N GLN A 106 -12.59 -6.76 1.55
CA GLN A 106 -14.02 -6.68 1.32
C GLN A 106 -14.69 -5.86 2.44
N LYS A 107 -15.93 -5.47 2.18
CA LYS A 107 -16.67 -4.63 3.10
C LYS A 107 -17.06 -5.44 4.34
N PRO A 108 -17.27 -4.75 5.49
CA PRO A 108 -17.71 -5.41 6.71
C PRO A 108 -18.96 -6.26 6.46
N GLY A 109 -18.95 -7.47 7.05
CA GLY A 109 -20.03 -8.43 6.97
C GLY A 109 -19.97 -9.30 5.74
N SER A 110 -18.84 -9.31 4.99
CA SER A 110 -18.71 -10.13 3.79
C SER A 110 -18.39 -11.58 4.13
N GLY A 111 -18.00 -11.85 5.38
CA GLY A 111 -17.52 -13.19 5.76
C GLY A 111 -16.35 -13.10 6.71
N VAL A 112 -15.62 -14.20 6.88
CA VAL A 112 -14.48 -14.24 7.78
C VAL A 112 -13.36 -15.02 7.05
N ALA A 113 -12.14 -14.85 7.53
CA ALA A 113 -11.00 -15.67 7.04
C ALA A 113 -9.89 -15.61 8.08
N GLY A 114 -8.86 -16.43 7.92
CA GLY A 114 -7.70 -16.35 8.79
C GLY A 114 -6.77 -17.53 8.57
N PHE A 115 -6.23 -18.03 9.66
CA PHE A 115 -5.27 -19.10 9.67
C PHE A 115 -5.90 -20.33 10.30
N GLU A 116 -5.52 -21.51 9.81
CA GLU A 116 -5.92 -22.71 10.42
C GLU A 116 -4.76 -23.68 10.44
N GLN A 117 -4.60 -24.43 11.53
CA GLN A 117 -3.59 -25.49 11.57
C GLN A 117 -4.15 -26.68 12.34
N ILE A 118 -4.10 -27.84 11.70
CA ILE A 118 -4.48 -29.08 12.31
C ILE A 118 -3.22 -29.77 12.86
N LEU A 119 -3.32 -30.21 14.10
CA LEU A 119 -2.18 -30.73 14.79
C LEU A 119 -2.14 -32.25 14.71
N ASP A 120 -1.02 -32.80 15.17
CA ASP A 120 -0.84 -34.23 15.30
C ASP A 120 -1.52 -34.71 16.59
N ALA A 121 -1.54 -33.87 17.63
CA ALA A 121 -2.12 -34.22 18.87
C ALA A 121 -3.60 -34.53 18.68
N THR A 122 -4.12 -35.44 19.52
CA THR A 122 -5.54 -35.85 19.51
C THR A 122 -6.18 -35.48 20.84
N LEU A 123 -7.52 -35.38 20.83
CA LEU A 123 -8.21 -35.09 22.06
C LEU A 123 -8.18 -36.31 22.99
N GLU A 124 -7.68 -36.12 24.20
CA GLU A 124 -7.56 -37.16 25.21
C GLU A 124 -8.53 -36.88 26.35
N PRO A 125 -8.94 -37.90 27.13
CA PRO A 125 -9.92 -37.70 28.20
C PRO A 125 -9.33 -37.07 29.46
N ASP A 126 -10.22 -36.44 30.25
CA ASP A 126 -9.87 -35.88 31.55
C ASP A 126 -8.61 -35.01 31.42
N THR A 127 -8.65 -34.07 30.46
CA THR A 127 -7.52 -33.18 30.12
C THR A 127 -8.04 -31.74 30.00
N ASN A 128 -7.34 -30.79 30.63
CA ASN A 128 -7.62 -29.34 30.44
C ASN A 128 -6.63 -28.83 29.40
N TYR A 129 -7.20 -28.44 28.26
CA TYR A 129 -6.50 -27.78 27.17
C TYR A 129 -6.61 -26.26 27.35
N THR A 130 -5.47 -25.58 27.20
CA THR A 130 -5.33 -24.12 27.29
C THR A 130 -4.60 -23.59 26.05
N LEU A 131 -5.34 -22.89 25.18
CA LEU A 131 -4.84 -22.24 23.97
C LEU A 131 -4.64 -20.76 24.25
N LYS A 132 -3.42 -20.26 24.03
CA LYS A 132 -3.12 -18.81 24.10
C LYS A 132 -2.52 -18.29 22.79
N VAL A 133 -2.93 -17.07 22.39
CA VAL A 133 -2.55 -16.39 21.17
C VAL A 133 -2.61 -14.89 21.46
N ASP A 134 -1.58 -14.15 21.06
CA ASP A 134 -1.58 -12.69 21.11
C ASP A 134 -2.27 -12.14 19.83
N VAL A 135 -3.11 -11.14 20.03
CA VAL A 135 -3.92 -10.59 19.03
C VAL A 135 -3.61 -9.09 18.99
N GLY A 136 -3.41 -8.57 17.78
CA GLY A 136 -2.87 -7.24 17.56
C GLY A 136 -3.82 -6.38 16.79
N ASN A 137 -3.96 -5.14 17.26
CA ASN A 137 -4.69 -4.06 16.67
C ASN A 137 -3.67 -3.07 16.10
N LEU A 138 -3.55 -3.02 14.76
CA LEU A 138 -2.52 -2.24 14.07
C LEU A 138 -2.87 -0.75 14.14
N ALA A 139 -1.87 0.11 14.27
CA ALA A 139 -2.15 1.54 14.42
C ALA A 139 -1.42 2.34 13.35
N GLY A 140 -1.87 3.58 13.13
CA GLY A 140 -1.16 4.55 12.30
C GLY A 140 -1.85 4.86 10.97
N THR A 141 -1.07 5.50 10.10
CA THR A 141 -1.48 5.94 8.80
C THR A 141 -0.29 5.75 7.85
N PHE A 142 -0.57 5.82 6.54
CA PHE A 142 0.48 5.84 5.52
C PHE A 142 -0.07 6.52 4.27
N LYS A 143 0.33 7.78 4.07
CA LYS A 143 0.07 8.55 2.84
C LYS A 143 -1.40 8.49 2.42
N GLY A 144 -2.35 8.62 3.36
CA GLY A 144 -3.79 8.59 3.05
C GLY A 144 -4.45 7.29 3.47
N LEU A 145 -3.69 6.19 3.53
CA LEU A 145 -4.10 4.93 4.20
C LEU A 145 -4.31 5.17 5.70
N SER A 146 -5.39 4.61 6.26
CA SER A 146 -5.64 4.67 7.70
C SER A 146 -5.80 3.27 8.30
N PHE A 147 -5.05 2.99 9.37
CA PHE A 147 -5.12 1.71 10.07
C PHE A 147 -5.96 1.80 11.35
N ALA A 148 -6.67 2.91 11.57
CA ALA A 148 -7.53 3.02 12.73
C ALA A 148 -8.71 2.06 12.58
N GLY A 149 -9.13 1.51 13.70
CA GLY A 149 -10.24 0.58 13.79
C GLY A 149 -9.73 -0.85 13.79
N PHE A 150 -10.67 -1.80 13.92
CA PHE A 150 -10.33 -3.19 14.26
C PHE A 150 -11.50 -4.04 13.82
N PRO A 151 -11.27 -5.20 13.15
CA PRO A 151 -12.37 -5.99 12.60
C PRO A 151 -13.04 -7.01 13.52
N GLY A 152 -12.48 -7.18 14.72
CA GLY A 152 -12.91 -8.29 15.60
C GLY A 152 -12.10 -9.54 15.31
N TYR A 153 -11.90 -10.37 16.34
CA TYR A 153 -11.13 -11.63 16.22
C TYR A 153 -11.96 -12.76 16.81
N ARG A 154 -11.62 -14.00 16.44
CA ARG A 154 -12.06 -15.15 17.16
C ARG A 154 -10.92 -16.17 17.10
N VAL A 155 -10.58 -16.77 18.24
CA VAL A 155 -9.62 -17.81 18.40
C VAL A 155 -10.41 -19.08 18.75
N GLU A 156 -10.17 -20.16 17.99
CA GLU A 156 -10.89 -21.41 18.11
C GLU A 156 -9.92 -22.57 18.36
N LEU A 157 -10.30 -23.45 19.28
CA LEU A 157 -9.75 -24.82 19.46
C LEU A 157 -10.74 -25.81 18.86
N LEU A 158 -10.23 -26.64 17.94
CA LEU A 158 -10.99 -27.64 17.24
C LEU A 158 -10.59 -29.04 17.73
N ALA A 159 -11.55 -29.96 17.62
CA ALA A 159 -11.30 -31.39 17.54
C ALA A 159 -12.06 -31.86 16.30
N GLY A 160 -11.31 -32.37 15.32
CA GLY A 160 -11.84 -32.68 14.01
C GLY A 160 -12.38 -31.41 13.39
N ASP A 161 -13.64 -31.47 12.94
CA ASP A 161 -14.36 -30.33 12.35
C ASP A 161 -15.12 -29.54 13.42
N THR A 162 -15.09 -29.95 14.67
CA THR A 162 -15.90 -29.32 15.75
C THR A 162 -15.09 -28.24 16.45
N VAL A 163 -15.71 -27.08 16.64
CA VAL A 163 -15.16 -26.04 17.48
C VAL A 163 -15.50 -26.35 18.93
N LEU A 164 -14.51 -26.84 19.69
CA LEU A 164 -14.71 -27.23 21.09
C LEU A 164 -14.95 -25.99 21.95
N ALA A 165 -14.08 -24.98 21.76
CA ALA A 165 -14.11 -23.73 22.55
C ALA A 165 -13.59 -22.57 21.70
N ALA A 166 -14.08 -21.35 21.94
CA ALA A 166 -13.60 -20.23 21.20
C ALA A 166 -13.83 -18.96 22.01
N ASP A 167 -12.91 -18.02 21.82
CA ASP A 167 -12.98 -16.66 22.34
C ASP A 167 -13.39 -15.80 21.15
N HIS A 168 -14.67 -15.41 21.09
CA HIS A 168 -15.13 -14.53 20.04
C HIS A 168 -15.08 -13.10 20.54
N ASN A 169 -13.92 -12.45 20.32
CA ASN A 169 -13.78 -10.97 20.40
C ASN A 169 -14.02 -10.41 21.81
N ASN A 170 -13.62 -11.12 22.88
CA ASN A 170 -13.95 -10.67 24.22
C ASN A 170 -12.93 -9.64 24.73
N LEU A 171 -11.68 -9.67 24.23
CA LEU A 171 -10.69 -8.69 24.66
C LEU A 171 -10.92 -7.35 23.94
N PHE A 172 -10.73 -6.27 24.69
CA PHE A 172 -10.62 -4.99 24.13
C PHE A 172 -9.16 -4.76 23.82
N ILE A 173 -8.80 -4.40 22.58
CA ILE A 173 -7.42 -4.19 22.21
C ILE A 173 -7.22 -2.79 21.66
N LYS A 174 -6.35 -2.02 22.31
CA LYS A 174 -6.04 -0.65 21.89
C LYS A 174 -5.25 -0.66 20.59
N GLU A 175 -5.42 0.42 19.84
CA GLU A 175 -4.66 0.72 18.68
C GLU A 175 -3.17 0.62 19.04
N GLY A 176 -2.44 -0.27 18.37
CA GLY A 176 -1.01 -0.35 18.49
C GLY A 176 -0.55 -1.24 19.64
N GLU A 177 -1.44 -2.11 20.14
CA GLU A 177 -1.07 -3.12 21.12
C GLU A 177 -1.54 -4.52 20.70
N PHE A 178 -0.99 -5.49 21.43
CA PHE A 178 -1.35 -6.89 21.46
C PHE A 178 -1.86 -7.24 22.85
N LYS A 179 -2.87 -8.10 22.90
CA LYS A 179 -3.27 -8.74 24.14
C LYS A 179 -3.41 -10.25 23.88
N THR A 180 -3.23 -11.03 24.94
CA THR A 180 -3.26 -12.50 24.92
C THR A 180 -4.69 -12.97 25.13
N SER A 181 -5.22 -13.68 24.12
CA SER A 181 -6.50 -14.41 24.19
C SER A 181 -6.23 -15.80 24.77
N THR A 182 -7.08 -16.22 25.72
CA THR A 182 -7.02 -17.57 26.30
C THR A 182 -8.33 -18.32 26.01
N VAL A 183 -8.22 -19.53 25.44
CA VAL A 183 -9.34 -20.42 25.16
C VAL A 183 -9.09 -21.72 25.90
N THR A 184 -10.12 -22.26 26.53
CA THR A 184 -10.01 -23.43 27.38
C THR A 184 -11.13 -24.41 27.07
N TYR A 185 -10.74 -25.70 27.05
CA TYR A 185 -11.67 -26.80 26.97
C TYR A 185 -11.22 -27.86 27.97
N THR A 186 -12.19 -28.51 28.61
CA THR A 186 -11.88 -29.62 29.48
C THR A 186 -12.64 -30.84 28.97
N SER A 187 -11.90 -31.90 28.62
CA SER A 187 -12.52 -33.16 28.21
C SER A 187 -12.95 -33.97 29.44
N THR A 188 -13.99 -34.78 29.25
CA THR A 188 -14.42 -35.80 30.23
C THR A 188 -13.91 -37.16 29.74
N ALA A 189 -14.25 -38.23 30.45
CA ALA A 189 -13.85 -39.61 30.06
C ALA A 189 -14.59 -40.09 28.80
N LYS A 190 -15.76 -39.49 28.49
CA LYS A 190 -16.70 -40.08 27.51
C LYS A 190 -16.95 -39.16 26.30
N ASP A 191 -16.10 -38.18 26.12
CA ASP A 191 -16.27 -37.12 25.14
C ASP A 191 -16.40 -37.71 23.72
N LEU A 192 -17.37 -37.20 22.96
CA LEU A 192 -17.67 -37.73 21.63
C LEU A 192 -16.52 -37.55 20.63
N HIS A 193 -15.62 -36.59 20.89
CA HIS A 193 -14.56 -36.19 19.97
C HIS A 193 -13.20 -36.80 20.37
N LEU A 194 -13.17 -37.58 21.44
CA LEU A 194 -11.95 -38.26 21.88
C LEU A 194 -11.24 -38.89 20.68
N GLY A 195 -9.92 -38.72 20.66
CA GLY A 195 -9.09 -39.36 19.68
C GLY A 195 -9.09 -38.64 18.36
N GLN A 196 -9.82 -37.53 18.21
CA GLN A 196 -9.76 -36.71 16.99
C GLN A 196 -8.63 -35.67 17.07
N LYS A 197 -8.14 -35.26 15.91
CA LYS A 197 -7.04 -34.31 15.76
C LYS A 197 -7.45 -32.91 16.27
N LEU A 198 -6.64 -32.40 17.18
CA LEU A 198 -6.82 -31.04 17.71
C LEU A 198 -6.52 -30.07 16.57
N GLY A 199 -7.09 -28.88 16.65
CA GLY A 199 -6.86 -27.88 15.60
C GLY A 199 -6.96 -26.49 16.19
N ILE A 200 -6.45 -25.52 15.45
CA ILE A 200 -6.45 -24.10 15.87
C ILE A 200 -6.88 -23.22 14.69
N ARG A 201 -7.71 -22.28 14.97
CA ARG A 201 -8.14 -21.33 13.94
C ARG A 201 -8.03 -19.93 14.54
N LEU A 202 -7.40 -18.97 13.79
CA LEU A 202 -7.24 -17.55 14.16
C LEU A 202 -8.04 -16.78 13.12
N VAL A 203 -9.12 -16.14 13.55
CA VAL A 203 -10.08 -15.62 12.56
C VAL A 203 -10.27 -14.11 12.61
N ASN A 204 -10.28 -13.51 11.43
CA ASN A 204 -10.59 -12.08 11.18
C ASN A 204 -12.11 -12.05 10.92
N LEU A 205 -12.86 -11.45 11.82
CA LEU A 205 -14.30 -11.40 11.80
C LEU A 205 -14.87 -10.43 10.75
N LEU A 206 -14.06 -9.47 10.26
CA LEU A 206 -14.50 -8.47 9.29
C LEU A 206 -15.79 -7.76 9.72
N GLN A 207 -15.82 -7.32 10.97
CA GLN A 207 -17.05 -6.70 11.50
C GLN A 207 -16.96 -5.18 11.32
N ASP A 208 -15.76 -4.68 11.01
CA ASP A 208 -15.47 -3.25 10.88
C ASP A 208 -14.13 -3.09 10.18
N LYS A 209 -13.75 -1.82 9.96
CA LYS A 209 -12.53 -1.37 9.31
C LYS A 209 -11.81 -0.45 10.29
N PHE A 210 -10.49 -0.36 10.23
CA PHE A 210 -9.60 -1.09 9.32
C PHE A 210 -9.63 -2.60 9.64
N SER A 211 -9.62 -3.43 8.59
CA SER A 211 -9.95 -4.84 8.75
C SER A 211 -8.72 -5.74 8.51
N GLY A 212 -7.58 -5.29 9.03
CA GLY A 212 -6.39 -6.07 9.28
C GLY A 212 -6.32 -6.48 10.75
N LEU A 213 -5.80 -7.67 10.99
CA LEU A 213 -5.75 -8.32 12.28
C LEU A 213 -4.46 -9.13 12.32
N ASP A 214 -3.74 -9.09 13.44
CA ASP A 214 -2.48 -9.76 13.64
C ASP A 214 -2.55 -10.76 14.79
N PHE A 215 -1.77 -11.83 14.66
CA PHE A 215 -1.65 -12.84 15.65
C PHE A 215 -0.19 -13.23 15.87
N ASP A 216 0.11 -13.73 17.06
CA ASP A 216 1.47 -14.20 17.35
C ASP A 216 1.49 -15.09 18.58
N ASN A 217 2.54 -15.92 18.69
CA ASN A 217 2.90 -16.65 19.88
C ASN A 217 1.76 -17.64 20.26
N VAL A 218 1.35 -18.48 19.30
CA VAL A 218 0.33 -19.47 19.53
C VAL A 218 0.93 -20.56 20.43
N ARG A 219 0.28 -20.82 21.58
CA ARG A 219 0.71 -21.83 22.55
CA ARG A 219 0.71 -21.84 22.52
C ARG A 219 -0.49 -22.69 22.94
N LEU A 220 -0.31 -24.01 22.94
CA LEU A 220 -1.35 -24.93 23.41
C LEU A 220 -0.74 -25.88 24.43
N THR A 221 -1.35 -25.94 25.63
CA THR A 221 -0.90 -26.86 26.71
C THR A 221 -2.03 -27.85 27.04
N ALA A 222 -1.65 -29.04 27.55
CA ALA A 222 -2.59 -30.06 28.01
C ALA A 222 -2.18 -30.50 29.42
N GLU A 223 -3.15 -30.56 30.34
CA GLU A 223 -2.89 -30.88 31.74
C GLU A 223 -3.94 -31.88 32.21
N PRO A 224 -3.53 -33.07 32.72
CA PRO A 224 -4.50 -34.02 33.28
C PRO A 224 -5.31 -33.35 34.41
N THR A 225 -6.61 -33.65 34.50
CA THR A 225 -7.48 -33.10 35.56
C THR A 225 -7.29 -33.89 36.85
N SER B 27 19.00 1.02 -44.16
CA SER B 27 20.28 1.12 -43.40
C SER B 27 20.03 1.42 -41.92
N VAL B 28 18.77 1.57 -41.50
CA VAL B 28 18.41 1.80 -40.10
C VAL B 28 18.55 0.47 -39.37
N VAL B 29 19.43 0.43 -38.37
CA VAL B 29 19.69 -0.77 -37.60
C VAL B 29 19.18 -0.50 -36.18
N SER B 30 18.58 -1.53 -35.58
CA SER B 30 18.15 -1.42 -34.21
C SER B 30 19.25 -1.98 -33.29
N ILE B 31 19.62 -1.19 -32.28
CA ILE B 31 20.65 -1.58 -31.27
C ILE B 31 19.98 -2.43 -30.20
N PRO B 32 20.48 -3.67 -29.92
CA PRO B 32 19.87 -4.54 -28.93
C PRO B 32 19.98 -3.95 -27.51
N ILE B 33 18.87 -4.02 -26.79
CA ILE B 33 18.76 -3.62 -25.41
C ILE B 33 18.23 -4.84 -24.65
N ASN B 34 18.86 -5.21 -23.53
CA ASN B 34 18.35 -6.29 -22.70
C ASN B 34 17.06 -5.81 -21.98
N ASN B 35 16.02 -6.67 -22.00
CA ASN B 35 14.77 -6.52 -21.28
C ASN B 35 14.16 -5.17 -21.59
N ALA B 36 14.13 -4.84 -22.89
CA ALA B 36 13.80 -3.52 -23.36
C ALA B 36 12.34 -3.12 -23.06
N GLY B 37 11.45 -4.12 -22.86
CA GLY B 37 10.06 -3.93 -22.59
C GLY B 37 9.62 -4.41 -21.22
N PHE B 38 10.60 -4.64 -20.35
CA PHE B 38 10.44 -5.08 -18.96
C PHE B 38 9.59 -6.36 -18.87
N GLU B 39 9.73 -7.30 -19.82
CA GLU B 39 8.85 -8.49 -19.88
C GLU B 39 9.39 -9.62 -18.99
N ASP B 40 10.69 -9.55 -18.63
CA ASP B 40 11.27 -10.37 -17.60
C ASP B 40 11.26 -9.57 -16.30
N PRO B 41 10.65 -10.08 -15.22
CA PRO B 41 10.02 -11.39 -15.15
C PRO B 41 8.57 -11.36 -15.62
N PHE B 42 8.11 -12.57 -15.96
CA PHE B 42 6.75 -12.80 -16.25
C PHE B 42 5.94 -12.61 -14.96
N ILE B 43 4.82 -11.92 -15.05
CA ILE B 43 3.91 -11.75 -13.96
C ILE B 43 2.52 -12.28 -14.35
N GLU B 44 1.95 -13.12 -13.47
CA GLU B 44 0.62 -13.83 -13.67
C GLU B 44 -0.58 -12.91 -13.43
N VAL B 45 -0.55 -12.15 -12.33
CA VAL B 45 -1.71 -11.46 -11.81
C VAL B 45 -1.68 -9.99 -12.21
N VAL B 46 -2.77 -9.49 -12.82
CA VAL B 46 -2.81 -8.10 -13.24
C VAL B 46 -2.57 -7.22 -12.00
N ASP B 47 -1.60 -6.28 -12.12
CA ASP B 47 -1.31 -5.21 -11.12
C ASP B 47 -0.38 -5.73 -10.03
N ASP B 48 0.02 -6.99 -10.12
CA ASP B 48 1.10 -7.46 -9.39
C ASP B 48 2.40 -6.86 -9.98
N TYR B 49 3.46 -6.90 -9.18
CA TYR B 49 4.70 -6.15 -9.47
C TYR B 49 5.80 -6.74 -8.60
N THR B 50 7.06 -6.62 -9.05
CA THR B 50 8.23 -6.89 -8.30
C THR B 50 8.70 -5.59 -7.62
N VAL B 51 9.61 -5.74 -6.64
CA VAL B 51 10.24 -4.58 -5.96
C VAL B 51 11.77 -4.67 -6.09
N ASP B 52 12.24 -5.38 -7.12
CA ASP B 52 13.65 -5.56 -7.42
C ASP B 52 13.94 -4.94 -8.78
N THR B 53 15.16 -4.39 -8.93
CA THR B 53 15.51 -3.77 -10.18
C THR B 53 15.21 -4.74 -11.33
N PRO B 54 14.58 -4.30 -12.43
CA PRO B 54 14.27 -5.23 -13.52
C PRO B 54 15.56 -5.84 -14.06
N PRO B 55 15.56 -7.16 -14.32
CA PRO B 55 16.71 -7.82 -14.94
C PRO B 55 17.19 -7.12 -16.22
N GLY B 56 18.51 -7.01 -16.38
CA GLY B 56 19.11 -6.33 -17.55
C GLY B 56 19.38 -4.86 -17.29
N TRP B 57 18.71 -4.30 -16.28
CA TRP B 57 18.85 -2.89 -15.90
C TRP B 57 19.60 -2.78 -14.57
N THR B 58 20.04 -1.56 -14.26
CA THR B 58 20.51 -1.22 -12.96
C THR B 58 19.70 -0.03 -12.47
N THR B 59 19.66 0.17 -11.14
CA THR B 59 19.00 1.33 -10.55
C THR B 59 19.95 2.53 -10.63
N TYR B 60 19.57 3.56 -11.40
CA TYR B 60 20.23 4.81 -11.41
C TYR B 60 19.86 5.55 -10.13
N ASN B 61 20.86 5.81 -9.28
CA ASN B 61 20.62 6.10 -7.85
C ASN B 61 21.60 7.18 -7.37
N PRO B 62 21.70 8.33 -8.06
CA PRO B 62 22.75 9.32 -7.75
C PRO B 62 22.57 10.01 -6.38
N ASN B 63 21.36 9.97 -5.80
CA ASN B 63 21.03 10.57 -4.51
C ASN B 63 20.73 9.48 -3.47
N ASN B 64 20.98 8.21 -3.82
CA ASN B 64 20.78 7.08 -2.92
C ASN B 64 19.33 7.05 -2.37
N LEU B 65 18.36 7.51 -3.17
CA LEU B 65 16.93 7.57 -2.72
C LEU B 65 16.33 6.17 -2.62
N VAL B 66 16.80 5.24 -3.48
CA VAL B 66 16.16 3.91 -3.51
C VAL B 66 17.02 2.95 -2.70
N PRO B 67 16.50 2.35 -1.61
CA PRO B 67 17.30 1.46 -0.78
C PRO B 67 17.57 0.14 -1.53
N GLU B 68 18.56 -0.60 -1.07
CA GLU B 68 18.95 -1.90 -1.62
C GLU B 68 17.81 -2.92 -1.39
N LYS B 69 17.17 -2.90 -0.22
CA LYS B 69 16.05 -3.78 0.08
C LYS B 69 14.80 -2.90 0.20
N ARG B 70 13.84 -3.10 -0.72
CA ARG B 70 12.72 -2.26 -0.90
C ARG B 70 11.48 -2.96 -0.32
N THR B 71 10.50 -2.16 0.10
CA THR B 71 9.20 -2.66 0.59
C THR B 71 8.07 -1.79 0.03
N THR B 72 6.84 -2.15 0.36
CA THR B 72 5.66 -1.34 0.11
C THR B 72 5.86 0.09 0.62
N TRP B 73 6.61 0.27 1.70
CA TRP B 73 6.66 1.56 2.40
C TRP B 73 7.89 2.39 1.96
N THR B 74 8.74 1.84 1.10
CA THR B 74 9.99 2.56 0.69
C THR B 74 9.89 3.05 -0.75
N SER B 75 10.90 3.82 -1.17
CA SER B 75 11.16 4.04 -2.55
C SER B 75 11.42 2.68 -3.20
N ASN B 76 10.92 2.47 -4.43
CA ASN B 76 11.12 1.13 -5.03
C ASN B 76 11.12 1.26 -6.57
N ASN B 77 11.60 0.21 -7.23
CA ASN B 77 11.40 0.07 -8.64
C ASN B 77 11.27 -1.43 -9.00
N GLY B 78 10.83 -1.69 -10.22
CA GLY B 78 10.61 -3.05 -10.65
C GLY B 78 9.76 -3.10 -11.90
N VAL B 79 9.14 -4.26 -12.11
CA VAL B 79 8.25 -4.48 -13.24
C VAL B 79 6.83 -4.69 -12.71
N GLY B 80 5.88 -4.26 -13.54
CA GLY B 80 4.49 -4.28 -13.19
C GLY B 80 3.65 -4.72 -14.38
N TYR B 81 2.64 -5.57 -14.11
CA TYR B 81 1.75 -6.14 -15.14
C TYR B 81 0.55 -5.20 -15.32
N VAL B 82 0.49 -4.55 -16.48
CA VAL B 82 -0.64 -3.76 -16.87
C VAL B 82 -1.41 -4.61 -17.89
N GLY B 83 -2.26 -5.50 -17.39
CA GLY B 83 -3.11 -6.33 -18.24
C GLY B 83 -4.55 -5.85 -18.30
N PRO B 84 -5.46 -6.63 -18.94
CA PRO B 84 -6.89 -6.31 -18.95
C PRO B 84 -7.43 -6.22 -17.52
N GLY B 85 -7.99 -5.05 -17.21
CA GLY B 85 -8.64 -4.74 -15.95
C GLY B 85 -7.82 -3.84 -15.04
N THR B 86 -6.59 -3.50 -15.46
CA THR B 86 -5.67 -2.74 -14.60
C THR B 86 -6.43 -1.55 -14.02
N GLN B 87 -6.12 -1.16 -12.77
CA GLN B 87 -6.75 -0.01 -12.08
C GLN B 87 -6.00 1.29 -12.39
N PHE B 88 -4.86 1.21 -13.09
CA PHE B 88 -3.90 2.32 -13.13
C PHE B 88 -3.99 3.13 -14.43
N TYR B 89 -4.49 2.52 -15.52
CA TYR B 89 -4.39 3.10 -16.85
C TYR B 89 -5.68 2.88 -17.61
N ASN B 90 -5.94 3.76 -18.58
CA ASN B 90 -7.02 3.62 -19.52
C ASN B 90 -6.53 2.89 -20.79
N GLN B 91 -5.36 2.25 -20.72
CA GLN B 91 -4.84 1.44 -21.82
C GLN B 91 -4.12 0.24 -21.24
N LEU B 92 -3.73 -0.70 -22.11
CA LEU B 92 -2.82 -1.75 -21.70
C LEU B 92 -1.38 -1.19 -21.75
N ALA B 93 -0.42 -1.99 -21.33
CA ALA B 93 0.99 -1.65 -21.44
C ALA B 93 1.30 -1.32 -22.89
N PRO B 94 2.11 -0.26 -23.18
CA PRO B 94 2.51 0.06 -24.55
C PRO B 94 3.04 -1.15 -25.35
N GLU B 95 3.66 -2.11 -24.67
CA GLU B 95 4.23 -3.28 -25.30
C GLU B 95 4.09 -4.48 -24.36
N GLY B 96 3.66 -5.64 -24.90
CA GLY B 96 3.53 -6.87 -24.10
C GLY B 96 2.64 -6.64 -22.88
N ARG B 97 3.02 -7.30 -21.80
CA ARG B 97 2.27 -7.38 -20.56
C ARG B 97 2.70 -6.27 -19.58
N ASN B 98 4.01 -5.98 -19.54
CA ASN B 98 4.61 -5.36 -18.31
C ASN B 98 5.12 -3.96 -18.63
N ILE B 99 5.28 -3.18 -17.57
CA ILE B 99 5.98 -1.89 -17.60
C ILE B 99 7.07 -1.91 -16.51
N GLY B 100 8.01 -0.95 -16.62
CA GLY B 100 9.00 -0.78 -15.57
C GLY B 100 8.65 0.47 -14.80
N TYR B 101 8.54 0.38 -13.46
CA TYR B 101 8.08 1.54 -12.65
C TYR B 101 9.20 1.98 -11.69
N ILE B 102 9.16 3.24 -11.28
CA ILE B 102 10.07 3.80 -10.26
C ILE B 102 9.19 4.68 -9.41
N TYR B 103 9.12 4.39 -8.11
CA TYR B 103 8.34 5.20 -7.17
C TYR B 103 9.32 5.71 -6.09
N LEU B 104 9.23 7.00 -5.78
CA LEU B 104 10.12 7.64 -4.81
C LEU B 104 9.26 8.19 -3.66
N ALA B 105 9.55 7.72 -2.45
CA ALA B 105 8.77 8.02 -1.26
C ALA B 105 9.15 9.40 -0.70
N GLN B 106 10.36 9.87 -1.01
CA GLN B 106 10.90 11.05 -0.38
C GLN B 106 10.17 12.28 -0.92
N LYS B 107 10.36 13.42 -0.27
CA LYS B 107 9.60 14.58 -0.68
C LYS B 107 10.16 15.11 -2.01
N PRO B 108 9.32 15.81 -2.79
CA PRO B 108 9.77 16.48 -4.01
C PRO B 108 11.02 17.35 -3.77
N GLY B 109 11.97 17.33 -4.71
CA GLY B 109 13.22 18.08 -4.60
C GLY B 109 14.33 17.28 -3.95
N SER B 110 14.04 16.06 -3.48
CA SER B 110 15.02 15.28 -2.75
C SER B 110 16.10 14.70 -3.68
N GLY B 111 15.91 14.74 -5.00
CA GLY B 111 16.87 14.07 -5.93
C GLY B 111 16.12 13.29 -7.02
N VAL B 112 16.85 12.44 -7.74
CA VAL B 112 16.24 11.73 -8.87
C VAL B 112 16.67 10.27 -8.74
N ALA B 113 15.92 9.34 -9.38
CA ALA B 113 16.36 7.98 -9.53
C ALA B 113 15.64 7.35 -10.73
N GLY B 114 16.13 6.19 -11.17
CA GLY B 114 15.38 5.38 -12.10
C GLY B 114 16.20 4.21 -12.61
N PHE B 115 16.28 4.06 -13.93
CA PHE B 115 16.85 2.87 -14.56
C PHE B 115 17.99 3.31 -15.47
N GLU B 116 19.03 2.48 -15.57
CA GLU B 116 20.10 2.73 -16.46
C GLU B 116 20.53 1.39 -17.05
N GLN B 117 20.89 1.40 -18.32
CA GLN B 117 21.47 0.26 -18.96
C GLN B 117 22.56 0.74 -19.93
N ILE B 118 23.75 0.21 -19.74
CA ILE B 118 24.89 0.44 -20.63
C ILE B 118 24.85 -0.66 -21.71
N LEU B 119 24.91 -0.24 -22.97
CA LEU B 119 24.74 -1.18 -24.07
C LEU B 119 26.10 -1.70 -24.54
N ASP B 120 26.08 -2.75 -25.36
CA ASP B 120 27.30 -3.30 -25.95
C ASP B 120 27.80 -2.36 -27.06
N ALA B 121 26.87 -1.79 -27.83
CA ALA B 121 27.15 -0.84 -28.92
C ALA B 121 27.95 0.37 -28.44
N THR B 122 28.79 0.90 -29.34
CA THR B 122 29.61 2.11 -29.10
C THR B 122 29.14 3.24 -30.04
N LEU B 123 29.48 4.47 -29.67
CA LEU B 123 29.19 5.65 -30.48
C LEU B 123 30.07 5.58 -31.73
N GLU B 124 29.42 5.56 -32.89
CA GLU B 124 30.05 5.53 -34.18
C GLU B 124 29.90 6.90 -34.86
N PRO B 125 30.89 7.30 -35.69
CA PRO B 125 30.83 8.59 -36.36
C PRO B 125 29.69 8.64 -37.38
N ASP B 126 29.21 9.86 -37.70
CA ASP B 126 28.29 10.13 -38.79
C ASP B 126 27.07 9.19 -38.73
N THR B 127 26.46 9.13 -37.55
CA THR B 127 25.35 8.22 -37.32
C THR B 127 24.25 9.02 -36.60
N ASN B 128 23.00 8.88 -37.06
CA ASN B 128 21.80 9.41 -36.38
C ASN B 128 21.24 8.32 -35.46
N TYR B 129 21.12 8.66 -34.18
CA TYR B 129 20.62 7.80 -33.12
C TYR B 129 19.22 8.28 -32.76
N THR B 130 18.26 7.34 -32.68
CA THR B 130 16.90 7.62 -32.26
C THR B 130 16.55 6.68 -31.11
N LEU B 131 16.30 7.28 -29.95
CA LEU B 131 15.90 6.57 -28.75
C LEU B 131 14.42 6.89 -28.45
N LYS B 132 13.60 5.86 -28.31
CA LYS B 132 12.19 6.06 -27.99
C LYS B 132 11.86 5.21 -26.76
N VAL B 133 11.01 5.78 -25.92
CA VAL B 133 10.51 5.13 -24.75
C VAL B 133 9.14 5.70 -24.48
N ASP B 134 8.24 4.86 -23.99
CA ASP B 134 6.93 5.28 -23.60
C ASP B 134 6.97 5.57 -22.09
N VAL B 135 6.36 6.69 -21.72
CA VAL B 135 6.33 7.18 -20.37
C VAL B 135 4.88 7.23 -19.92
N GLY B 136 4.64 6.68 -18.72
CA GLY B 136 3.32 6.46 -18.19
C GLY B 136 3.03 7.30 -16.95
N ASN B 137 1.84 7.90 -16.91
CA ASN B 137 1.37 8.64 -15.72
C ASN B 137 0.21 7.86 -15.11
N LEU B 138 0.44 7.27 -13.92
CA LEU B 138 -0.55 6.41 -13.23
C LEU B 138 -1.80 7.22 -12.88
N ALA B 139 -2.96 6.57 -12.88
CA ALA B 139 -4.20 7.22 -12.53
C ALA B 139 -4.89 6.43 -11.42
N GLY B 140 -5.75 7.14 -10.69
CA GLY B 140 -6.75 6.56 -9.81
C GLY B 140 -6.39 6.73 -8.35
N THR B 141 -6.65 5.69 -7.57
CA THR B 141 -6.94 5.78 -6.16
C THR B 141 -7.03 4.37 -5.61
N PHE B 142 -6.51 4.16 -4.38
CA PHE B 142 -6.65 2.90 -3.70
C PHE B 142 -6.75 3.12 -2.18
N LYS B 143 -7.98 3.03 -1.64
CA LYS B 143 -8.24 2.97 -0.17
C LYS B 143 -7.60 4.15 0.58
N GLY B 144 -7.70 5.36 0.02
CA GLY B 144 -7.10 6.53 0.64
C GLY B 144 -5.85 7.00 -0.08
N LEU B 145 -5.10 6.07 -0.70
CA LEU B 145 -3.92 6.42 -1.53
C LEU B 145 -4.43 7.10 -2.80
N SER B 146 -3.73 8.15 -3.25
CA SER B 146 -4.06 8.81 -4.51
C SER B 146 -2.89 8.71 -5.49
N PHE B 147 -3.20 8.48 -6.76
CA PHE B 147 -2.13 8.38 -7.73
C PHE B 147 -2.15 9.63 -8.62
N ALA B 148 -2.91 10.63 -8.18
CA ALA B 148 -3.05 11.87 -8.87
C ALA B 148 -1.71 12.61 -8.85
N GLY B 149 -1.34 13.11 -10.02
CA GLY B 149 -0.14 13.88 -10.21
C GLY B 149 0.97 13.04 -10.80
N PHE B 150 2.12 13.68 -11.03
CA PHE B 150 3.18 13.12 -11.85
C PHE B 150 4.49 13.79 -11.44
N PRO B 151 5.60 13.07 -11.25
CA PRO B 151 6.86 13.67 -10.80
C PRO B 151 7.79 14.30 -11.85
N GLY B 152 7.44 14.20 -13.14
CA GLY B 152 8.36 14.59 -14.22
C GLY B 152 9.30 13.44 -14.62
N TYR B 153 9.67 13.39 -15.90
CA TYR B 153 10.55 12.36 -16.40
C TYR B 153 11.73 13.00 -17.14
N ARG B 154 12.82 12.22 -17.31
CA ARG B 154 13.86 12.54 -18.23
C ARG B 154 14.35 11.23 -18.83
N VAL B 155 14.52 11.25 -20.16
CA VAL B 155 15.07 10.13 -20.90
C VAL B 155 16.41 10.62 -21.49
N GLU B 156 17.45 9.86 -21.24
CA GLU B 156 18.81 10.26 -21.61
C GLU B 156 19.50 9.23 -22.50
N LEU B 157 20.20 9.72 -23.51
CA LEU B 157 21.08 8.88 -24.34
C LEU B 157 22.50 9.21 -23.91
N LEU B 158 23.27 8.19 -23.54
CA LEU B 158 24.64 8.38 -23.02
C LEU B 158 25.67 7.82 -24.01
N ALA B 159 26.89 8.29 -23.85
CA ALA B 159 28.11 7.72 -24.43
C ALA B 159 29.09 7.84 -23.28
N GLY B 160 29.51 6.71 -22.73
CA GLY B 160 30.35 6.79 -21.53
C GLY B 160 29.53 7.36 -20.38
N ASP B 161 30.05 8.37 -19.72
CA ASP B 161 29.38 9.04 -18.58
C ASP B 161 28.72 10.33 -19.05
N THR B 162 28.79 10.61 -20.35
CA THR B 162 28.25 11.87 -20.88
C THR B 162 26.82 11.72 -21.39
N VAL B 163 25.96 12.65 -21.01
CA VAL B 163 24.57 12.66 -21.54
C VAL B 163 24.66 13.42 -22.86
N LEU B 164 24.54 12.71 -23.98
CA LEU B 164 24.63 13.28 -25.34
C LEU B 164 23.40 14.14 -25.64
N ALA B 165 22.23 13.63 -25.27
CA ALA B 165 20.96 14.23 -25.53
C ALA B 165 19.96 13.69 -24.50
N ALA B 166 19.01 14.53 -24.10
CA ALA B 166 17.97 14.12 -23.16
C ALA B 166 16.71 14.95 -23.37
N ASP B 167 15.57 14.30 -23.22
CA ASP B 167 14.27 14.90 -23.16
C ASP B 167 13.94 15.06 -21.69
N HIS B 168 14.07 16.29 -21.17
CA HIS B 168 13.71 16.57 -19.81
C HIS B 168 12.24 17.06 -19.76
N ASN B 169 11.31 16.11 -19.62
CA ASN B 169 9.89 16.35 -19.21
C ASN B 169 9.16 17.26 -20.20
N ASN B 170 9.40 17.08 -21.50
CA ASN B 170 8.82 17.95 -22.49
C ASN B 170 7.39 17.52 -22.85
N LEU B 171 7.03 16.25 -22.69
CA LEU B 171 5.69 15.76 -23.13
C LEU B 171 4.68 15.97 -21.97
N PHE B 172 3.48 16.44 -22.29
CA PHE B 172 2.37 16.39 -21.35
C PHE B 172 1.79 14.98 -21.37
N ILE B 173 1.77 14.29 -20.23
CA ILE B 173 1.26 12.94 -20.14
C ILE B 173 0.03 12.95 -19.24
N LYS B 174 -1.14 12.69 -19.83
CA LYS B 174 -2.41 12.66 -19.08
C LYS B 174 -2.41 11.48 -18.10
N GLU B 175 -3.21 11.65 -17.05
CA GLU B 175 -3.42 10.64 -16.06
C GLU B 175 -4.00 9.41 -16.75
N GLY B 176 -3.41 8.25 -16.48
CA GLY B 176 -3.89 7.00 -16.97
C GLY B 176 -3.47 6.71 -18.41
N GLU B 177 -2.48 7.42 -18.96
CA GLU B 177 -1.95 7.16 -20.33
C GLU B 177 -0.41 7.08 -20.35
N PHE B 178 0.11 6.56 -21.46
CA PHE B 178 1.52 6.55 -21.85
C PHE B 178 1.67 7.42 -23.10
N LYS B 179 2.79 8.14 -23.21
CA LYS B 179 3.17 8.85 -24.45
C LYS B 179 4.61 8.49 -24.82
N THR B 180 4.90 8.53 -26.12
CA THR B 180 6.24 8.23 -26.59
C THR B 180 7.13 9.48 -26.52
N SER B 181 8.23 9.36 -25.77
CA SER B 181 9.38 10.27 -25.76
C SER B 181 10.40 9.82 -26.81
N THR B 182 10.91 10.79 -27.57
CA THR B 182 11.89 10.56 -28.60
C THR B 182 13.12 11.46 -28.34
N VAL B 183 14.30 10.84 -28.28
CA VAL B 183 15.53 11.59 -28.13
C VAL B 183 16.41 11.30 -29.36
N THR B 184 17.01 12.38 -29.91
CA THR B 184 17.84 12.33 -31.13
C THR B 184 19.27 12.82 -30.83
N TYR B 185 20.24 12.10 -31.42
CA TYR B 185 21.60 12.58 -31.45
C TYR B 185 22.21 12.21 -32.80
N THR B 186 22.91 13.15 -33.41
CA THR B 186 23.69 12.92 -34.61
C THR B 186 25.15 13.14 -34.25
N SER B 187 25.95 12.07 -34.40
CA SER B 187 27.39 12.14 -34.25
C SER B 187 28.03 12.74 -35.52
N THR B 188 29.16 13.42 -35.32
CA THR B 188 30.03 13.90 -36.42
C THR B 188 31.24 12.97 -36.49
N ALA B 189 32.10 13.16 -37.49
CA ALA B 189 33.34 12.37 -37.64
C ALA B 189 34.30 12.62 -36.45
N LYS B 190 34.21 13.79 -35.83
CA LYS B 190 35.23 14.25 -34.86
C LYS B 190 34.70 14.26 -33.42
N ASP B 191 33.60 13.54 -33.16
CA ASP B 191 32.96 13.53 -31.84
C ASP B 191 33.96 13.02 -30.79
N LEU B 192 34.07 13.76 -29.68
CA LEU B 192 34.98 13.41 -28.58
C LEU B 192 34.69 11.99 -28.05
N HIS B 193 33.46 11.51 -28.19
CA HIS B 193 33.01 10.36 -27.45
C HIS B 193 32.95 9.10 -28.31
N LEU B 194 33.46 9.19 -29.55
CA LEU B 194 33.41 8.06 -30.49
C LEU B 194 34.04 6.85 -29.80
N GLY B 195 33.44 5.69 -30.00
CA GLY B 195 33.95 4.44 -29.48
C GLY B 195 33.60 4.21 -28.02
N GLN B 196 32.89 5.15 -27.38
CA GLN B 196 32.46 4.92 -26.00
C GLN B 196 31.16 4.13 -25.99
N LYS B 197 30.88 3.41 -24.90
CA LYS B 197 29.69 2.55 -24.86
C LYS B 197 28.43 3.41 -24.76
N LEU B 198 27.42 3.13 -25.60
CA LEU B 198 26.14 3.83 -25.50
C LEU B 198 25.45 3.38 -24.22
N GLY B 199 24.49 4.19 -23.74
CA GLY B 199 23.80 3.95 -22.51
C GLY B 199 22.45 4.63 -22.51
N ILE B 200 21.54 4.11 -21.69
CA ILE B 200 20.21 4.68 -21.62
C ILE B 200 19.88 4.97 -20.15
N ARG B 201 19.22 6.10 -19.87
CA ARG B 201 18.77 6.39 -18.51
C ARG B 201 17.31 6.86 -18.60
N LEU B 202 16.48 6.31 -17.70
CA LEU B 202 15.08 6.59 -17.62
C LEU B 202 14.83 7.10 -16.20
N VAL B 203 14.53 8.40 -16.05
CA VAL B 203 14.74 9.03 -14.77
C VAL B 203 13.40 9.55 -14.26
N ASN B 204 13.13 9.26 -12.98
CA ASN B 204 12.06 9.88 -12.16
C ASN B 204 12.62 11.17 -11.53
N LEU B 205 12.08 12.33 -11.91
CA LEU B 205 12.62 13.66 -11.52
C LEU B 205 12.23 14.10 -10.09
N LEU B 206 11.21 13.47 -9.51
CA LEU B 206 10.67 13.79 -8.18
C LEU B 206 10.47 15.32 -8.01
N GLN B 207 9.75 15.92 -8.94
CA GLN B 207 9.44 17.34 -8.91
C GLN B 207 8.06 17.58 -8.27
N ASP B 208 7.25 16.53 -8.14
CA ASP B 208 5.89 16.65 -7.62
C ASP B 208 5.42 15.26 -7.20
N LYS B 209 4.22 15.18 -6.66
CA LYS B 209 3.62 13.91 -6.34
C LYS B 209 2.21 13.87 -6.93
N PHE B 210 1.64 12.68 -7.15
CA PHE B 210 2.17 11.37 -6.86
C PHE B 210 3.50 11.13 -7.60
N SER B 211 4.50 10.53 -6.92
CA SER B 211 5.90 10.53 -7.41
C SER B 211 6.32 9.12 -7.90
N GLY B 212 5.41 8.44 -8.60
CA GLY B 212 5.70 7.25 -9.41
C GLY B 212 5.54 7.58 -10.90
N LEU B 213 6.36 6.96 -11.73
CA LEU B 213 6.14 6.96 -13.15
C LEU B 213 6.66 5.66 -13.74
N ASP B 214 6.20 5.40 -14.96
CA ASP B 214 6.40 4.11 -15.59
C ASP B 214 7.06 4.35 -16.94
N PHE B 215 7.75 3.31 -17.40
CA PHE B 215 8.37 3.28 -18.71
C PHE B 215 8.07 1.93 -19.39
N ASP B 216 8.07 1.94 -20.73
CA ASP B 216 7.98 0.72 -21.47
C ASP B 216 8.52 0.89 -22.89
N ASN B 217 8.79 -0.25 -23.55
CA ASN B 217 9.06 -0.34 -24.99
C ASN B 217 10.23 0.59 -25.36
N VAL B 218 11.40 0.33 -24.79
CA VAL B 218 12.59 1.14 -25.08
C VAL B 218 13.15 0.66 -26.43
N ARG B 219 13.43 1.61 -27.33
CA ARG B 219 13.93 1.32 -28.67
CA ARG B 219 13.94 1.31 -28.65
C ARG B 219 15.03 2.32 -29.01
N LEU B 220 16.18 1.79 -29.46
CA LEU B 220 17.27 2.57 -29.96
C LEU B 220 17.64 2.08 -31.37
N THR B 221 17.61 2.99 -32.34
CA THR B 221 18.07 2.70 -33.69
C THR B 221 19.26 3.59 -34.02
N ALA B 222 20.09 3.10 -34.96
CA ALA B 222 21.23 3.83 -35.49
C ALA B 222 21.10 3.86 -37.02
N GLU B 223 21.44 4.99 -37.64
CA GLU B 223 21.32 5.15 -39.08
C GLU B 223 22.47 5.99 -39.61
N PRO B 224 23.28 5.48 -40.57
CA PRO B 224 24.28 6.27 -41.29
C PRO B 224 23.70 7.61 -41.78
N THR B 225 24.51 8.67 -41.71
CA THR B 225 24.04 10.06 -41.89
C THR B 225 23.79 10.35 -43.38
N SER C 27 -21.87 4.75 38.21
CA SER C 27 -20.98 4.53 37.02
C SER C 27 -21.49 3.36 36.18
N VAL C 28 -21.54 2.16 36.77
CA VAL C 28 -22.00 0.94 36.09
C VAL C 28 -23.54 0.85 36.17
N VAL C 29 -24.17 0.65 35.00
CA VAL C 29 -25.62 0.70 34.85
C VAL C 29 -26.13 -0.69 34.40
N SER C 30 -27.26 -1.10 34.97
CA SER C 30 -27.95 -2.32 34.58
C SER C 30 -28.80 -2.03 33.35
N ILE C 31 -28.67 -2.90 32.34
CA ILE C 31 -29.48 -2.85 31.16
C ILE C 31 -30.68 -3.77 31.41
N PRO C 32 -31.94 -3.28 31.25
CA PRO C 32 -33.12 -4.13 31.47
C PRO C 32 -33.28 -5.25 30.42
N ILE C 33 -33.63 -6.43 30.92
CA ILE C 33 -33.82 -7.64 30.19
C ILE C 33 -35.11 -8.25 30.72
N ASN C 34 -35.96 -8.73 29.84
CA ASN C 34 -37.22 -9.31 30.23
C ASN C 34 -36.98 -10.75 30.68
N ASN C 35 -37.64 -11.13 31.78
CA ASN C 35 -37.65 -12.46 32.29
C ASN C 35 -36.21 -12.99 32.31
N ALA C 36 -35.31 -12.19 32.88
CA ALA C 36 -33.87 -12.44 32.85
C ALA C 36 -33.48 -13.65 33.69
N GLY C 37 -34.39 -14.10 34.59
CA GLY C 37 -34.13 -15.22 35.47
C GLY C 37 -35.06 -16.40 35.20
N PHE C 38 -35.78 -16.30 34.08
CA PHE C 38 -36.77 -17.27 33.64
C PHE C 38 -37.83 -17.57 34.71
N GLU C 39 -38.11 -16.62 35.62
CA GLU C 39 -39.01 -16.87 36.75
C GLU C 39 -40.48 -16.96 36.30
N ASP C 40 -40.77 -16.40 35.12
CA ASP C 40 -42.04 -16.46 34.47
C ASP C 40 -42.03 -17.56 33.42
N PRO C 41 -42.95 -18.53 33.50
CA PRO C 41 -44.00 -18.65 34.50
C PRO C 41 -43.60 -19.35 35.81
N PHE C 42 -44.38 -19.04 36.86
CA PHE C 42 -44.32 -19.68 38.15
C PHE C 42 -44.64 -21.18 38.01
N ILE C 43 -43.83 -22.02 38.63
CA ILE C 43 -44.04 -23.47 38.71
C ILE C 43 -44.14 -23.88 40.18
N GLU C 44 -45.13 -24.72 40.50
CA GLU C 44 -45.53 -25.02 41.88
C GLU C 44 -44.74 -26.20 42.43
N VAL C 45 -44.53 -27.24 41.61
CA VAL C 45 -43.90 -28.49 42.09
C VAL C 45 -42.45 -28.61 41.57
N VAL C 46 -41.53 -28.88 42.51
CA VAL C 46 -40.10 -28.99 42.26
C VAL C 46 -39.86 -30.00 41.13
N ASP C 47 -38.96 -29.64 40.20
CA ASP C 47 -38.54 -30.43 39.01
C ASP C 47 -39.64 -30.51 37.95
N ASP C 48 -40.75 -29.79 38.12
CA ASP C 48 -41.71 -29.65 37.04
C ASP C 48 -41.19 -28.54 36.09
N TYR C 49 -41.77 -28.47 34.89
CA TYR C 49 -41.23 -27.68 33.79
C TYR C 49 -42.30 -27.47 32.71
N THR C 50 -42.10 -26.44 31.88
CA THR C 50 -42.87 -26.13 30.71
C THR C 50 -42.05 -26.53 29.46
N VAL C 51 -42.74 -26.62 28.32
CA VAL C 51 -42.14 -26.98 27.05
C VAL C 51 -42.43 -25.90 26.00
N ASP C 52 -42.80 -24.69 26.43
CA ASP C 52 -43.03 -23.59 25.50
C ASP C 52 -42.03 -22.48 25.79
N THR C 53 -41.67 -21.74 24.74
CA THR C 53 -40.72 -20.63 24.81
C THR C 53 -41.02 -19.76 26.02
N PRO C 54 -40.06 -19.47 26.92
CA PRO C 54 -40.33 -18.59 28.04
C PRO C 54 -40.79 -17.23 27.53
N PRO C 55 -41.82 -16.64 28.19
CA PRO C 55 -42.23 -15.28 27.91
C PRO C 55 -41.04 -14.33 27.89
N GLY C 56 -41.06 -13.37 26.97
CA GLY C 56 -40.03 -12.34 26.92
C GLY C 56 -38.83 -12.78 26.09
N TRP C 57 -38.67 -14.10 25.89
CA TRP C 57 -37.61 -14.67 25.03
C TRP C 57 -38.21 -15.17 23.71
N THR C 58 -37.34 -15.33 22.70
CA THR C 58 -37.66 -15.96 21.42
C THR C 58 -36.84 -17.26 21.28
N THR C 59 -37.35 -18.24 20.53
CA THR C 59 -36.54 -19.46 20.25
C THR C 59 -35.58 -19.15 19.09
N TYR C 60 -34.27 -19.11 19.37
CA TYR C 60 -33.23 -19.05 18.39
C TYR C 60 -33.15 -20.40 17.66
N ASN C 61 -33.45 -20.37 16.35
CA ASN C 61 -33.74 -21.57 15.63
C ASN C 61 -33.13 -21.49 14.22
N PRO C 62 -31.82 -21.20 14.06
CA PRO C 62 -31.24 -21.08 12.72
C PRO C 62 -31.29 -22.38 11.90
N ASN C 63 -31.38 -23.54 12.55
CA ASN C 63 -31.29 -24.86 11.85
C ASN C 63 -32.65 -25.58 11.87
N ASN C 64 -33.69 -24.85 12.31
CA ASN C 64 -35.08 -25.31 12.45
C ASN C 64 -35.17 -26.65 13.19
N LEU C 65 -34.37 -26.81 14.28
CA LEU C 65 -34.37 -28.07 15.07
C LEU C 65 -35.55 -28.11 16.06
N VAL C 66 -36.10 -26.95 16.42
CA VAL C 66 -37.18 -26.91 17.45
C VAL C 66 -38.51 -26.66 16.75
N PRO C 67 -39.50 -27.59 16.83
CA PRO C 67 -40.79 -27.39 16.16
C PRO C 67 -41.65 -26.36 16.91
N GLU C 68 -42.60 -25.75 16.21
CA GLU C 68 -43.53 -24.76 16.81
C GLU C 68 -44.38 -25.46 17.90
N LYS C 69 -44.80 -26.69 17.61
CA LYS C 69 -45.54 -27.53 18.54
C LYS C 69 -44.59 -28.61 19.08
N ARG C 70 -44.41 -28.60 20.41
CA ARG C 70 -43.45 -29.43 21.16
C ARG C 70 -44.19 -30.52 21.96
N THR C 71 -43.49 -31.65 22.17
CA THR C 71 -43.82 -32.66 23.18
C THR C 71 -42.59 -32.84 24.08
N THR C 72 -42.63 -33.85 24.95
CA THR C 72 -41.48 -34.25 25.77
C THR C 72 -40.50 -35.08 24.93
N TRP C 73 -40.93 -35.50 23.73
CA TRP C 73 -40.12 -36.33 22.83
C TRP C 73 -39.29 -35.46 21.88
N THR C 74 -39.85 -34.32 21.45
CA THR C 74 -39.23 -33.42 20.45
C THR C 74 -38.15 -32.55 21.11
N SER C 75 -37.36 -31.86 20.29
CA SER C 75 -36.57 -30.74 20.76
C SER C 75 -37.55 -29.76 21.39
N ASN C 76 -37.11 -29.04 22.41
CA ASN C 76 -38.02 -28.13 23.13
C ASN C 76 -37.19 -27.14 23.94
N ASN C 77 -37.85 -26.11 24.49
CA ASN C 77 -37.27 -25.23 25.42
C ASN C 77 -38.41 -24.76 26.34
N GLY C 78 -38.05 -24.04 27.39
CA GLY C 78 -39.04 -23.69 28.43
C GLY C 78 -38.33 -23.39 29.73
N VAL C 79 -39.07 -23.49 30.85
CA VAL C 79 -38.50 -23.27 32.18
C VAL C 79 -38.75 -24.50 33.03
N GLY C 80 -37.93 -24.65 34.07
CA GLY C 80 -37.95 -25.74 35.03
C GLY C 80 -37.66 -25.24 36.43
N TYR C 81 -38.43 -25.75 37.41
CA TYR C 81 -38.28 -25.32 38.80
C TYR C 81 -37.19 -26.17 39.45
N VAL C 82 -36.02 -25.55 39.67
CA VAL C 82 -34.89 -26.20 40.36
C VAL C 82 -34.92 -25.79 41.83
N GLY C 83 -35.78 -26.49 42.58
CA GLY C 83 -36.19 -26.09 43.91
C GLY C 83 -35.77 -27.09 44.97
N PRO C 84 -36.24 -26.91 46.22
CA PRO C 84 -35.80 -27.73 47.35
C PRO C 84 -35.82 -29.22 47.01
N GLY C 85 -34.63 -29.84 47.09
CA GLY C 85 -34.45 -31.29 46.90
C GLY C 85 -34.54 -31.77 45.45
N THR C 86 -34.36 -30.85 44.49
CA THR C 86 -34.26 -31.16 43.06
C THR C 86 -33.37 -32.39 42.82
N GLN C 87 -33.73 -33.23 41.83
CA GLN C 87 -32.95 -34.46 41.50
C GLN C 87 -31.83 -34.18 40.48
N PHE C 88 -31.88 -33.00 39.86
CA PHE C 88 -31.15 -32.72 38.62
C PHE C 88 -29.84 -31.97 38.90
N TYR C 89 -29.69 -31.43 40.13
CA TYR C 89 -28.55 -30.54 40.49
C TYR C 89 -28.14 -30.76 41.93
N ASN C 90 -26.91 -30.32 42.26
CA ASN C 90 -26.33 -30.36 43.60
C ASN C 90 -26.65 -29.07 44.35
N GLN C 91 -27.46 -28.20 43.74
CA GLN C 91 -27.75 -26.85 44.25
C GLN C 91 -29.12 -26.44 43.72
N LEU C 92 -29.70 -25.43 44.39
CA LEU C 92 -30.90 -24.73 43.91
C LEU C 92 -30.52 -23.95 42.64
N ALA C 93 -31.53 -23.39 41.95
CA ALA C 93 -31.35 -22.48 40.84
C ALA C 93 -30.38 -21.39 41.25
N PRO C 94 -29.49 -20.93 40.36
CA PRO C 94 -28.64 -19.78 40.68
C PRO C 94 -29.45 -18.58 41.21
N GLU C 95 -30.70 -18.43 40.74
CA GLU C 95 -31.53 -17.25 41.05
C GLU C 95 -33.01 -17.69 41.07
N GLY C 96 -33.72 -17.29 42.14
CA GLY C 96 -35.12 -17.62 42.34
C GLY C 96 -35.37 -19.09 42.17
N ARG C 97 -36.46 -19.43 41.50
CA ARG C 97 -37.01 -20.75 41.51
C ARG C 97 -36.57 -21.54 40.27
N ASN C 98 -36.51 -20.86 39.12
CA ASN C 98 -36.51 -21.47 37.80
C ASN C 98 -35.19 -21.25 37.05
N ILE C 99 -34.96 -22.14 36.08
CA ILE C 99 -33.97 -21.97 35.06
C ILE C 99 -34.69 -22.04 33.73
N GLY C 100 -34.01 -21.63 32.67
CA GLY C 100 -34.47 -21.80 31.30
C GLY C 100 -33.64 -22.89 30.65
N TYR C 101 -34.28 -23.84 29.97
CA TYR C 101 -33.54 -24.95 29.38
C TYR C 101 -33.81 -25.01 27.88
N ILE C 102 -32.89 -25.65 27.15
CA ILE C 102 -33.00 -26.00 25.76
C ILE C 102 -32.57 -27.46 25.61
N TYR C 103 -33.46 -28.28 25.04
CA TYR C 103 -33.19 -29.69 24.81
C TYR C 103 -33.32 -29.98 23.32
N LEU C 104 -32.32 -30.71 22.77
CA LEU C 104 -32.30 -31.00 21.37
C LEU C 104 -32.20 -32.52 21.16
N ALA C 105 -33.18 -33.05 20.42
CA ALA C 105 -33.37 -34.48 20.19
C ALA C 105 -32.50 -34.98 19.03
N GLN C 106 -32.26 -34.13 18.03
CA GLN C 106 -31.42 -34.47 16.87
C GLN C 106 -30.01 -34.88 17.32
N LYS C 107 -29.31 -35.60 16.44
CA LYS C 107 -28.02 -36.18 16.75
C LYS C 107 -26.97 -35.06 16.83
N PRO C 108 -25.88 -35.23 17.63
CA PRO C 108 -24.82 -34.22 17.69
C PRO C 108 -24.30 -33.79 16.31
N GLY C 109 -24.09 -32.49 16.13
CA GLY C 109 -23.67 -31.93 14.87
C GLY C 109 -24.82 -31.51 13.95
N SER C 110 -26.09 -31.71 14.36
CA SER C 110 -27.19 -31.35 13.45
C SER C 110 -27.44 -29.83 13.41
N GLY C 111 -26.74 -29.04 14.23
CA GLY C 111 -26.97 -27.56 14.29
C GLY C 111 -27.07 -27.07 15.73
N VAL C 112 -27.64 -25.87 15.91
CA VAL C 112 -27.73 -25.24 17.22
C VAL C 112 -29.14 -24.62 17.40
N ALA C 113 -29.54 -24.39 18.65
CA ALA C 113 -30.75 -23.58 18.92
C ALA C 113 -30.63 -23.11 20.35
N GLY C 114 -31.51 -22.17 20.72
CA GLY C 114 -31.56 -21.73 22.06
C GLY C 114 -32.56 -20.61 22.25
N PHE C 115 -32.16 -19.64 23.06
CA PHE C 115 -32.95 -18.45 23.33
C PHE C 115 -32.30 -17.22 22.69
N GLU C 116 -33.15 -16.25 22.32
CA GLU C 116 -32.72 -14.94 21.86
C GLU C 116 -33.63 -13.89 22.47
N GLN C 117 -33.06 -12.74 22.83
CA GLN C 117 -33.83 -11.59 23.20
C GLN C 117 -33.17 -10.32 22.65
N ILE C 118 -33.94 -9.54 21.88
CA ILE C 118 -33.50 -8.24 21.40
C ILE C 118 -33.95 -7.21 22.43
N LEU C 119 -33.02 -6.37 22.89
CA LEU C 119 -33.23 -5.45 23.98
C LEU C 119 -33.73 -4.10 23.43
N ASP C 120 -34.19 -3.22 24.33
CA ASP C 120 -34.58 -1.86 23.94
C ASP C 120 -33.32 -1.00 23.83
N ALA C 121 -32.30 -1.31 24.64
CA ALA C 121 -31.03 -0.57 24.64
C ALA C 121 -30.28 -0.75 23.30
N THR C 122 -29.49 0.26 22.94
CA THR C 122 -28.71 0.31 21.72
C THR C 122 -27.23 0.47 22.06
N LEU C 123 -26.37 0.06 21.13
CA LEU C 123 -24.94 0.16 21.37
C LEU C 123 -24.59 1.64 21.45
N GLU C 124 -23.86 2.00 22.52
CA GLU C 124 -23.38 3.34 22.74
C GLU C 124 -21.85 3.37 22.63
N PRO C 125 -21.25 4.51 22.22
CA PRO C 125 -19.81 4.60 22.07
C PRO C 125 -19.09 4.62 23.43
N ASP C 126 -17.82 4.23 23.41
CA ASP C 126 -16.90 4.34 24.54
C ASP C 126 -17.54 3.73 25.78
N THR C 127 -18.08 2.50 25.63
CA THR C 127 -18.77 1.79 26.71
C THR C 127 -18.26 0.33 26.79
N ASN C 128 -18.06 -0.14 28.03
CA ASN C 128 -17.76 -1.53 28.37
C ASN C 128 -19.06 -2.25 28.78
N TYR C 129 -19.48 -3.21 27.93
CA TYR C 129 -20.61 -4.08 28.18
C TYR C 129 -20.11 -5.40 28.81
N THR C 130 -20.77 -5.82 29.89
CA THR C 130 -20.48 -7.11 30.57
C THR C 130 -21.76 -7.94 30.66
N LEU C 131 -21.79 -9.08 29.99
CA LEU C 131 -22.89 -9.99 29.97
C LEU C 131 -22.49 -11.22 30.77
N LYS C 132 -23.33 -11.53 31.78
CA LYS C 132 -23.14 -12.66 32.67
C LYS C 132 -24.39 -13.53 32.61
N VAL C 133 -24.15 -14.83 32.46
CA VAL C 133 -25.20 -15.84 32.43
C VAL C 133 -24.67 -17.06 33.18
N ASP C 134 -25.53 -17.69 33.99
CA ASP C 134 -25.22 -18.95 34.66
C ASP C 134 -25.61 -20.09 33.72
N VAL C 135 -24.71 -21.07 33.56
CA VAL C 135 -24.86 -22.20 32.65
C VAL C 135 -24.81 -23.50 33.48
N GLY C 136 -25.79 -24.38 33.24
CA GLY C 136 -25.99 -25.56 34.05
C GLY C 136 -25.88 -26.84 33.22
N ASN C 137 -25.20 -27.83 33.81
CA ASN C 137 -24.99 -29.18 33.28
C ASN C 137 -25.87 -30.16 34.09
N LEU C 138 -27.02 -30.58 33.54
CA LEU C 138 -28.03 -31.43 34.25
C LEU C 138 -27.37 -32.75 34.68
N ALA C 139 -27.73 -33.26 35.87
CA ALA C 139 -27.17 -34.50 36.38
C ALA C 139 -28.29 -35.50 36.69
N GLY C 140 -27.94 -36.78 36.68
CA GLY C 140 -28.76 -37.81 37.31
C GLY C 140 -29.44 -38.69 36.29
N THR C 141 -30.41 -39.47 36.78
CA THR C 141 -31.16 -40.44 36.02
C THR C 141 -32.63 -40.27 36.36
N PHE C 142 -33.46 -40.09 35.33
CA PHE C 142 -34.86 -39.86 35.52
C PHE C 142 -35.63 -40.70 34.50
N LYS C 143 -36.64 -41.46 34.97
CA LYS C 143 -37.49 -42.26 34.09
C LYS C 143 -36.64 -43.08 33.12
N GLY C 144 -35.55 -43.65 33.62
CA GLY C 144 -34.63 -44.51 32.84
C GLY C 144 -33.74 -43.75 31.85
N LEU C 145 -33.77 -42.41 31.87
CA LEU C 145 -32.97 -41.53 30.97
C LEU C 145 -31.74 -41.03 31.74
N SER C 146 -30.55 -41.17 31.13
CA SER C 146 -29.32 -40.65 31.75
C SER C 146 -29.02 -39.26 31.19
N PHE C 147 -28.74 -38.33 32.12
CA PHE C 147 -28.42 -36.95 31.78
C PHE C 147 -26.90 -36.71 31.81
N ALA C 148 -26.07 -37.76 31.98
CA ALA C 148 -24.62 -37.60 31.90
C ALA C 148 -24.26 -37.01 30.53
N GLY C 149 -23.16 -36.25 30.52
CA GLY C 149 -22.66 -35.56 29.31
C GLY C 149 -23.32 -34.18 29.15
N PHE C 150 -22.89 -33.44 28.11
CA PHE C 150 -23.11 -31.99 28.06
C PHE C 150 -22.95 -31.54 26.63
N PRO C 151 -23.86 -30.73 26.03
CA PRO C 151 -23.78 -30.44 24.60
C PRO C 151 -22.88 -29.26 24.20
N GLY C 152 -22.32 -28.55 25.18
CA GLY C 152 -21.63 -27.31 24.88
C GLY C 152 -22.63 -26.14 24.80
N TYR C 153 -22.13 -24.95 25.11
CA TYR C 153 -22.91 -23.69 25.16
C TYR C 153 -22.15 -22.57 24.44
N ARG C 154 -22.91 -21.55 24.00
CA ARG C 154 -22.30 -20.29 23.61
C ARG C 154 -23.23 -19.17 24.05
N VAL C 155 -22.66 -18.14 24.68
CA VAL C 155 -23.40 -16.97 25.13
C VAL C 155 -22.94 -15.82 24.21
N GLU C 156 -23.88 -15.16 23.54
CA GLU C 156 -23.57 -14.13 22.57
C GLU C 156 -24.18 -12.78 23.00
N LEU C 157 -23.40 -11.71 22.85
CA LEU C 157 -23.90 -10.29 22.88
C LEU C 157 -23.98 -9.80 21.43
N LEU C 158 -25.18 -9.32 21.04
CA LEU C 158 -25.44 -8.82 19.68
C LEU C 158 -25.55 -7.29 19.68
N ALA C 159 -25.29 -6.72 18.50
CA ALA C 159 -25.81 -5.40 18.09
C ALA C 159 -26.37 -5.60 16.68
N GLY C 160 -27.67 -5.33 16.52
CA GLY C 160 -28.43 -5.82 15.34
C GLY C 160 -28.35 -7.36 15.25
N ASP C 161 -27.94 -7.89 14.10
CA ASP C 161 -27.65 -9.36 14.08
C ASP C 161 -26.14 -9.63 13.84
N THR C 162 -25.30 -8.69 14.24
CA THR C 162 -23.88 -8.91 14.39
C THR C 162 -23.59 -9.45 15.80
N VAL C 163 -22.79 -10.53 15.89
CA VAL C 163 -22.32 -11.00 17.21
C VAL C 163 -21.07 -10.20 17.59
N LEU C 164 -21.18 -9.32 18.58
CA LEU C 164 -20.09 -8.47 18.97
C LEU C 164 -19.03 -9.25 19.74
N ALA C 165 -19.47 -10.07 20.69
CA ALA C 165 -18.56 -10.84 21.50
C ALA C 165 -19.28 -12.11 21.95
N ALA C 166 -18.55 -13.21 22.18
CA ALA C 166 -19.25 -14.45 22.59
C ALA C 166 -18.30 -15.39 23.33
N ASP C 167 -18.86 -16.15 24.27
CA ASP C 167 -18.17 -17.17 25.03
C ASP C 167 -18.65 -18.50 24.48
N HIS C 168 -17.83 -19.09 23.61
CA HIS C 168 -18.13 -20.38 23.02
C HIS C 168 -17.46 -21.47 23.87
N ASN C 169 -18.17 -21.91 24.91
CA ASN C 169 -17.91 -23.16 25.60
C ASN C 169 -16.58 -23.18 26.36
N ASN C 170 -16.15 -22.05 26.92
CA ASN C 170 -14.88 -21.94 27.61
C ASN C 170 -14.90 -22.55 29.03
N LEU C 171 -16.07 -22.56 29.67
CA LEU C 171 -16.14 -23.02 31.07
C LEU C 171 -16.17 -24.53 31.09
N PHE C 172 -15.61 -25.13 32.15
CA PHE C 172 -15.87 -26.52 32.39
C PHE C 172 -16.93 -26.63 33.48
N ILE C 173 -18.07 -27.24 33.16
CA ILE C 173 -19.19 -27.35 34.08
C ILE C 173 -19.40 -28.82 34.44
N LYS C 174 -19.20 -29.13 35.71
CA LYS C 174 -19.39 -30.49 36.23
C LYS C 174 -20.89 -30.82 36.24
N GLU C 175 -21.18 -32.12 36.23
CA GLU C 175 -22.52 -32.62 36.25
C GLU C 175 -23.20 -32.10 37.53
N GLY C 176 -24.36 -31.46 37.39
CA GLY C 176 -25.10 -31.04 38.57
C GLY C 176 -24.65 -29.70 39.13
N GLU C 177 -23.81 -28.96 38.41
CA GLU C 177 -23.51 -27.56 38.86
C GLU C 177 -23.82 -26.53 37.75
N PHE C 178 -23.83 -25.27 38.16
CA PHE C 178 -23.86 -24.10 37.30
C PHE C 178 -22.53 -23.36 37.43
N LYS C 179 -22.08 -22.73 36.35
CA LYS C 179 -20.98 -21.80 36.42
C LYS C 179 -21.39 -20.51 35.66
N THR C 180 -20.77 -19.39 36.02
CA THR C 180 -21.04 -18.10 35.38
C THR C 180 -20.12 -17.89 34.18
N SER C 181 -20.71 -17.82 32.99
CA SER C 181 -20.08 -17.28 31.77
C SER C 181 -20.08 -15.75 31.79
N THR C 182 -18.96 -15.12 31.38
CA THR C 182 -18.84 -13.66 31.26
C THR C 182 -18.39 -13.33 29.85
N VAL C 183 -19.19 -12.52 29.16
CA VAL C 183 -18.93 -12.02 27.80
C VAL C 183 -18.77 -10.50 27.91
N THR C 184 -17.75 -9.96 27.24
CA THR C 184 -17.40 -8.53 27.30
C THR C 184 -17.14 -8.01 25.90
N TYR C 185 -17.64 -6.80 25.65
CA TYR C 185 -17.32 -6.01 24.48
C TYR C 185 -17.02 -4.59 24.96
N THR C 186 -16.04 -3.95 24.31
CA THR C 186 -15.84 -2.51 24.46
C THR C 186 -16.04 -1.83 23.11
N SER C 187 -16.95 -0.84 23.07
CA SER C 187 -17.17 0.01 21.91
C SER C 187 -16.18 1.17 21.94
N THR C 188 -15.82 1.62 20.74
CA THR C 188 -15.01 2.81 20.56
C THR C 188 -15.93 3.97 20.17
N ALA C 189 -15.30 5.08 19.82
CA ALA C 189 -15.98 6.28 19.40
C ALA C 189 -16.71 6.05 18.08
N LYS C 190 -16.20 5.19 17.19
CA LYS C 190 -16.72 5.13 15.80
C LYS C 190 -17.20 3.73 15.39
N ASP C 191 -17.55 2.88 16.35
CA ASP C 191 -18.15 1.56 16.07
C ASP C 191 -19.18 1.65 14.93
N LEU C 192 -19.12 0.70 13.98
CA LEU C 192 -20.07 0.63 12.83
C LEU C 192 -21.51 0.34 13.29
N HIS C 193 -21.67 -0.31 14.45
CA HIS C 193 -22.97 -0.80 14.93
C HIS C 193 -23.61 0.17 15.95
N LEU C 194 -22.97 1.32 16.22
CA LEU C 194 -23.56 2.32 17.13
C LEU C 194 -25.06 2.48 16.82
N GLY C 195 -25.90 2.43 17.85
CA GLY C 195 -27.30 2.80 17.74
C GLY C 195 -28.19 1.63 17.33
N GLN C 196 -27.59 0.48 17.03
CA GLN C 196 -28.31 -0.76 16.83
C GLN C 196 -28.70 -1.34 18.19
N LYS C 197 -29.79 -2.09 18.21
CA LYS C 197 -30.31 -2.69 19.42
C LYS C 197 -29.39 -3.83 19.85
N LEU C 198 -29.01 -3.80 21.11
CA LEU C 198 -28.33 -4.91 21.77
C LEU C 198 -29.26 -6.14 21.79
N GLY C 199 -28.65 -7.32 21.69
CA GLY C 199 -29.32 -8.60 21.77
C GLY C 199 -28.50 -9.57 22.57
N ILE C 200 -29.16 -10.62 23.07
CA ILE C 200 -28.49 -11.72 23.79
C ILE C 200 -28.95 -13.04 23.17
N ARG C 201 -28.00 -13.95 22.90
CA ARG C 201 -28.38 -15.31 22.55
C ARG C 201 -27.71 -16.28 23.51
N LEU C 202 -28.45 -17.33 23.88
CA LEU C 202 -28.03 -18.39 24.76
C LEU C 202 -28.18 -19.67 23.98
N VAL C 203 -27.06 -20.30 23.63
CA VAL C 203 -27.10 -21.29 22.55
C VAL C 203 -26.65 -22.66 23.04
N ASN C 204 -27.42 -23.71 22.69
CA ASN C 204 -27.11 -25.12 22.85
C ASN C 204 -26.41 -25.56 21.56
N LEU C 205 -25.12 -25.92 21.71
CA LEU C 205 -24.21 -26.23 20.57
C LEU C 205 -24.46 -27.61 20.00
N LEU C 206 -25.15 -28.47 20.76
CA LEU C 206 -25.46 -29.84 20.37
C LEU C 206 -24.17 -30.51 19.87
N GLN C 207 -23.11 -30.45 20.69
CA GLN C 207 -21.84 -31.05 20.27
C GLN C 207 -21.72 -32.49 20.80
N ASP C 208 -22.55 -32.84 21.78
CA ASP C 208 -22.53 -34.11 22.48
C ASP C 208 -23.89 -34.33 23.17
N LYS C 209 -24.08 -35.52 23.74
CA LYS C 209 -25.28 -35.91 24.58
C LYS C 209 -24.80 -36.18 25.99
N PHE C 210 -25.66 -35.97 27.01
CA PHE C 210 -27.04 -35.57 26.91
C PHE C 210 -27.13 -34.10 26.47
N SER C 211 -27.98 -33.83 25.47
CA SER C 211 -27.95 -32.58 24.74
C SER C 211 -29.04 -31.62 25.25
N GLY C 212 -29.14 -31.54 26.57
CA GLY C 212 -29.88 -30.49 27.25
C GLY C 212 -28.92 -29.58 27.97
N LEU C 213 -29.27 -28.28 28.04
CA LEU C 213 -28.45 -27.19 28.50
C LEU C 213 -29.39 -26.23 29.23
N ASP C 214 -28.98 -25.77 30.40
CA ASP C 214 -29.79 -24.88 31.20
C ASP C 214 -29.11 -23.53 31.37
N PHE C 215 -29.90 -22.46 31.47
CA PHE C 215 -29.37 -21.15 31.71
C PHE C 215 -30.15 -20.47 32.83
N ASP C 216 -29.55 -19.48 33.48
CA ASP C 216 -30.23 -18.69 34.54
C ASP C 216 -29.50 -17.37 34.80
N ASN C 217 -30.23 -16.39 35.34
CA ASN C 217 -29.65 -15.15 35.88
C ASN C 217 -28.88 -14.34 34.84
N VAL C 218 -29.52 -14.04 33.72
CA VAL C 218 -28.87 -13.22 32.68
C VAL C 218 -28.77 -11.80 33.23
N ARG C 219 -27.57 -11.17 33.19
CA ARG C 219 -27.38 -9.81 33.65
C ARG C 219 -26.57 -9.02 32.61
N LEU C 220 -26.87 -7.86 32.24
CA LEU C 220 -26.07 -7.07 31.27
C LEU C 220 -25.84 -5.69 31.85
N THR C 221 -24.58 -5.28 31.95
CA THR C 221 -24.24 -3.92 32.45
C THR C 221 -23.44 -3.16 31.40
N ALA C 222 -23.55 -1.83 31.47
CA ALA C 222 -22.83 -0.88 30.66
C ALA C 222 -22.10 0.10 31.60
N GLU C 223 -20.84 0.39 31.29
CA GLU C 223 -20.04 1.33 32.05
C GLU C 223 -19.30 2.23 31.08
N PRO C 224 -19.56 3.56 31.09
CA PRO C 224 -18.77 4.51 30.32
C PRO C 224 -17.27 4.27 30.53
N THR C 225 -16.52 4.32 29.45
CA THR C 225 -15.11 4.03 29.50
C THR C 225 -14.36 5.31 29.92
N VAL D 28 -3.11 33.00 -26.83
CA VAL D 28 -1.61 32.98 -26.90
C VAL D 28 -1.05 34.31 -26.41
N VAL D 29 -0.42 34.25 -25.23
CA VAL D 29 0.10 35.36 -24.50
C VAL D 29 1.64 35.31 -24.60
N SER D 30 2.23 36.44 -24.98
CA SER D 30 3.67 36.67 -24.97
C SER D 30 4.10 37.02 -23.53
N ILE D 31 4.95 36.18 -22.92
CA ILE D 31 5.53 36.48 -21.60
C ILE D 31 6.74 37.39 -21.80
N PRO D 32 6.81 38.54 -21.11
CA PRO D 32 7.93 39.47 -21.27
C PRO D 32 9.28 38.96 -20.74
N ILE D 33 10.31 39.11 -21.56
CA ILE D 33 11.70 38.80 -21.24
C ILE D 33 12.56 40.04 -21.48
N ASN D 34 13.40 40.42 -20.52
CA ASN D 34 14.32 41.55 -20.71
C ASN D 34 15.48 41.13 -21.62
N ASN D 35 15.84 42.03 -22.55
CA ASN D 35 17.02 41.85 -23.43
C ASN D 35 16.97 40.46 -24.08
N ALA D 36 15.78 40.09 -24.60
CA ALA D 36 15.47 38.74 -25.10
C ALA D 36 16.28 38.42 -26.36
N GLY D 37 16.76 39.48 -27.04
CA GLY D 37 17.47 39.36 -28.29
C GLY D 37 18.94 39.69 -28.17
N PHE D 38 19.39 39.99 -26.96
CA PHE D 38 20.77 40.41 -26.68
C PHE D 38 21.13 41.71 -27.42
N GLU D 39 20.15 42.59 -27.67
CA GLU D 39 20.35 43.79 -28.54
C GLU D 39 21.02 44.91 -27.76
N ASP D 40 21.03 44.76 -26.43
CA ASP D 40 21.71 45.62 -25.53
C ASP D 40 22.93 44.85 -25.00
N PRO D 41 24.15 45.38 -25.17
CA PRO D 41 24.44 46.72 -25.65
C PRO D 41 24.63 46.75 -27.18
N PHE D 42 24.37 47.93 -27.76
CA PHE D 42 24.64 48.22 -29.15
C PHE D 42 26.14 48.03 -29.41
N ILE D 43 26.46 47.38 -30.53
CA ILE D 43 27.84 47.16 -30.98
C ILE D 43 27.96 47.78 -32.38
N GLU D 44 29.01 48.59 -32.62
CA GLU D 44 29.13 49.40 -33.87
C GLU D 44 29.71 48.55 -35.01
N VAL D 45 30.77 47.80 -34.72
CA VAL D 45 31.55 47.09 -35.74
C VAL D 45 31.11 45.61 -35.82
N VAL D 46 30.71 45.18 -37.02
CA VAL D 46 30.43 43.77 -37.35
C VAL D 46 31.53 42.84 -36.79
N ASP D 47 31.08 41.78 -36.09
CA ASP D 47 31.89 40.68 -35.57
C ASP D 47 32.66 41.13 -34.31
N ASP D 48 32.45 42.37 -33.84
CA ASP D 48 32.93 42.83 -32.52
C ASP D 48 32.00 42.31 -31.43
N TYR D 49 32.44 42.38 -30.17
CA TYR D 49 31.74 41.70 -29.09
C TYR D 49 32.17 42.26 -27.74
N THR D 50 31.33 42.06 -26.72
CA THR D 50 31.63 42.40 -25.35
C THR D 50 32.04 41.13 -24.61
N VAL D 51 32.66 41.28 -23.44
CA VAL D 51 33.03 40.12 -22.64
C VAL D 51 32.40 40.22 -21.24
N ASP D 52 31.32 41.00 -21.10
CA ASP D 52 30.59 41.13 -19.83
C ASP D 52 29.16 40.59 -19.97
N THR D 53 28.57 40.21 -18.84
CA THR D 53 27.21 39.64 -18.82
C THR D 53 26.23 40.57 -19.52
N PRO D 54 25.40 40.08 -20.49
CA PRO D 54 24.42 40.93 -21.16
C PRO D 54 23.49 41.51 -20.11
N PRO D 55 23.10 42.78 -20.27
CA PRO D 55 22.07 43.39 -19.42
C PRO D 55 20.78 42.57 -19.38
N GLY D 56 20.18 42.46 -18.18
CA GLY D 56 18.91 41.79 -17.99
C GLY D 56 19.06 40.29 -17.71
N TRP D 57 20.25 39.75 -18.03
CA TRP D 57 20.64 38.37 -17.76
C TRP D 57 21.67 38.33 -16.62
N THR D 58 21.82 37.14 -16.06
CA THR D 58 22.79 36.81 -15.04
C THR D 58 23.65 35.67 -15.62
N THR D 59 24.88 35.48 -15.12
CA THR D 59 25.73 34.37 -15.58
C THR D 59 25.44 33.13 -14.74
N TYR D 60 24.78 32.14 -15.34
CA TYR D 60 24.61 30.84 -14.75
C TYR D 60 25.98 30.15 -14.66
N ASN D 61 26.42 29.89 -13.40
CA ASN D 61 27.78 29.54 -13.11
C ASN D 61 27.88 28.49 -12.00
N PRO D 62 27.18 27.33 -12.12
CA PRO D 62 27.12 26.36 -11.03
C PRO D 62 28.48 25.70 -10.71
N ASN D 63 29.42 25.74 -11.65
CA ASN D 63 30.71 25.07 -11.51
C ASN D 63 31.85 26.10 -11.43
N ASN D 64 31.51 27.37 -11.23
CA ASN D 64 32.52 28.46 -11.20
C ASN D 64 33.51 28.42 -12.37
N LEU D 65 33.03 28.11 -13.59
CA LEU D 65 33.91 28.11 -14.74
C LEU D 65 34.18 29.54 -15.24
N VAL D 66 33.23 30.46 -15.06
CA VAL D 66 33.37 31.81 -15.64
C VAL D 66 33.88 32.76 -14.55
N PRO D 67 35.02 33.45 -14.73
CA PRO D 67 35.49 34.44 -13.74
C PRO D 67 34.74 35.78 -13.76
N GLU D 68 34.78 36.50 -12.63
CA GLU D 68 34.18 37.85 -12.51
C GLU D 68 34.86 38.81 -13.51
N LYS D 69 36.18 38.70 -13.62
CA LYS D 69 36.95 39.50 -14.54
C LYS D 69 37.36 38.60 -15.71
N ARG D 70 36.87 38.92 -16.91
CA ARG D 70 37.06 38.14 -18.14
C ARG D 70 37.99 38.87 -19.12
N THR D 71 38.82 38.09 -19.83
CA THR D 71 39.62 38.51 -21.00
C THR D 71 39.19 37.66 -22.21
N THR D 72 39.95 37.72 -23.31
CA THR D 72 39.72 36.89 -24.50
C THR D 72 40.22 35.46 -24.27
N TRP D 73 41.08 35.25 -23.24
CA TRP D 73 41.67 33.93 -22.95
C TRP D 73 40.87 33.15 -21.91
N THR D 74 40.07 33.85 -21.09
CA THR D 74 39.26 33.19 -20.05
C THR D 74 37.94 32.72 -20.66
N SER D 75 37.27 31.82 -19.91
CA SER D 75 35.87 31.60 -20.10
C SER D 75 35.23 33.00 -20.03
N ASN D 76 34.15 33.21 -20.77
CA ASN D 76 33.55 34.50 -20.83
C ASN D 76 32.16 34.35 -21.45
N ASN D 77 31.38 35.43 -21.34
CA ASN D 77 30.10 35.53 -22.01
C ASN D 77 29.88 37.01 -22.34
N GLY D 78 28.88 37.29 -23.19
CA GLY D 78 28.64 38.65 -23.62
C GLY D 78 27.79 38.64 -24.85
N VAL D 79 27.82 39.73 -25.63
CA VAL D 79 27.06 39.81 -26.87
C VAL D 79 28.01 40.04 -28.03
N GLY D 80 27.58 39.60 -29.22
CA GLY D 80 28.37 39.65 -30.43
C GLY D 80 27.54 40.13 -31.58
N TYR D 81 28.11 41.05 -32.40
CA TYR D 81 27.39 41.61 -33.58
C TYR D 81 27.62 40.69 -34.79
N VAL D 82 26.58 39.94 -35.15
CA VAL D 82 26.60 39.09 -36.31
C VAL D 82 25.88 39.84 -37.42
N GLY D 83 26.62 40.80 -37.99
CA GLY D 83 26.11 41.73 -38.98
C GLY D 83 26.56 41.42 -40.41
N PRO D 84 26.27 42.33 -41.37
CA PRO D 84 26.53 42.07 -42.78
C PRO D 84 27.97 41.60 -43.01
N GLY D 85 28.11 40.48 -43.73
CA GLY D 85 29.40 39.90 -44.10
C GLY D 85 30.11 39.13 -42.98
N THR D 86 29.41 38.87 -41.87
CA THR D 86 29.95 38.12 -40.75
C THR D 86 30.73 36.88 -41.23
N GLN D 87 31.88 36.68 -40.59
CA GLN D 87 32.86 35.66 -40.85
C GLN D 87 32.44 34.32 -40.21
N PHE D 88 31.49 34.36 -39.26
CA PHE D 88 31.30 33.27 -38.30
C PHE D 88 30.09 32.38 -38.63
N TYR D 89 29.19 32.88 -39.47
CA TYR D 89 27.93 32.24 -39.80
C TYR D 89 27.65 32.49 -41.28
N ASN D 90 26.74 31.64 -41.82
CA ASN D 90 26.26 31.66 -43.18
C ASN D 90 25.01 32.54 -43.28
N GLN D 91 24.66 33.17 -42.15
CA GLN D 91 23.45 34.00 -42.01
C GLN D 91 23.73 35.12 -41.02
N LEU D 92 22.92 36.20 -41.07
CA LEU D 92 22.88 37.26 -40.07
C LEU D 92 22.35 36.72 -38.72
N ALA D 93 22.47 37.51 -37.64
CA ALA D 93 21.82 37.16 -36.38
C ALA D 93 20.42 36.67 -36.71
N PRO D 94 19.87 35.65 -36.00
CA PRO D 94 18.45 35.29 -36.16
C PRO D 94 17.52 36.49 -35.94
N GLU D 95 17.94 37.45 -35.11
CA GLU D 95 17.13 38.59 -34.73
C GLU D 95 18.03 39.80 -34.51
N GLY D 96 17.65 40.97 -35.05
CA GLY D 96 18.43 42.21 -34.90
C GLY D 96 19.89 42.05 -35.30
N ARG D 97 20.77 42.69 -34.54
CA ARG D 97 22.21 42.77 -34.79
C ARG D 97 23.01 41.68 -34.05
N ASN D 98 22.61 41.38 -32.79
CA ASN D 98 23.47 40.74 -31.82
C ASN D 98 22.98 39.32 -31.50
N ILE D 99 23.92 38.51 -31.01
CA ILE D 99 23.64 37.26 -30.35
C ILE D 99 24.29 37.33 -28.97
N GLY D 100 23.86 36.42 -28.08
CA GLY D 100 24.51 36.19 -26.82
C GLY D 100 25.33 34.92 -26.88
N TYR D 101 26.58 34.99 -26.44
CA TYR D 101 27.46 33.84 -26.54
C TYR D 101 27.98 33.46 -25.14
N ILE D 102 28.35 32.19 -25.00
CA ILE D 102 29.06 31.64 -23.86
C ILE D 102 30.22 30.85 -24.43
N TYR D 103 31.44 31.20 -24.00
CA TYR D 103 32.65 30.46 -24.30
C TYR D 103 33.32 29.99 -22.97
N LEU D 104 33.70 28.71 -22.92
CA LEU D 104 34.30 28.07 -21.75
C LEU D 104 35.68 27.53 -22.14
N ALA D 105 36.70 27.98 -21.38
CA ALA D 105 38.10 27.70 -21.70
C ALA D 105 38.54 26.35 -21.15
N GLN D 106 37.90 25.90 -20.05
CA GLN D 106 38.17 24.63 -19.38
C GLN D 106 37.97 23.44 -20.33
N LYS D 107 38.54 22.27 -19.96
CA LYS D 107 38.50 21.12 -20.85
C LYS D 107 37.09 20.52 -20.81
N PRO D 108 36.64 19.82 -21.88
CA PRO D 108 35.34 19.13 -21.87
C PRO D 108 35.12 18.35 -20.57
N GLY D 109 33.90 18.38 -20.05
CA GLY D 109 33.55 17.65 -18.83
C GLY D 109 33.81 18.44 -17.56
N SER D 110 34.39 19.66 -17.65
CA SER D 110 34.68 20.44 -16.42
C SER D 110 33.38 20.98 -15.79
N GLY D 111 32.24 20.93 -16.50
CA GLY D 111 31.00 21.50 -15.97
C GLY D 111 30.25 22.27 -17.04
N VAL D 112 29.39 23.22 -16.60
CA VAL D 112 28.50 23.92 -17.49
C VAL D 112 28.39 25.37 -17.03
N ALA D 113 28.00 26.26 -17.94
CA ALA D 113 27.74 27.64 -17.60
C ALA D 113 26.92 28.25 -18.72
N GLY D 114 26.31 29.42 -18.47
CA GLY D 114 25.52 30.06 -19.50
C GLY D 114 24.82 31.31 -18.98
N PHE D 115 23.58 31.52 -19.41
CA PHE D 115 22.79 32.69 -19.01
C PHE D 115 21.55 32.22 -18.25
N GLU D 116 21.08 33.06 -17.32
CA GLU D 116 19.87 32.83 -16.58
C GLU D 116 19.08 34.13 -16.49
N GLN D 117 17.76 34.03 -16.58
CA GLN D 117 16.90 35.16 -16.24
C GLN D 117 15.63 34.64 -15.55
N ILE D 118 15.34 35.21 -14.37
CA ILE D 118 14.11 35.00 -13.64
C ILE D 118 13.13 36.08 -14.13
N LEU D 119 11.92 35.66 -14.52
CA LEU D 119 10.91 36.57 -15.05
C LEU D 119 10.00 37.03 -13.92
N ASP D 120 9.12 37.98 -14.22
CA ASP D 120 8.15 38.50 -13.26
C ASP D 120 6.89 37.61 -13.26
N ALA D 121 6.60 36.99 -14.41
CA ALA D 121 5.45 36.12 -14.55
C ALA D 121 5.69 34.85 -13.73
N THR D 122 4.60 34.32 -13.18
CA THR D 122 4.66 33.14 -12.35
C THR D 122 3.87 32.02 -13.05
N LEU D 123 4.12 30.79 -12.63
CA LEU D 123 3.52 29.62 -13.21
C LEU D 123 2.03 29.60 -12.87
N GLU D 124 1.20 29.44 -13.91
CA GLU D 124 -0.22 29.39 -13.87
C GLU D 124 -0.67 27.98 -14.25
N PRO D 125 -1.80 27.50 -13.69
CA PRO D 125 -2.27 26.15 -13.99
C PRO D 125 -2.97 26.10 -15.34
N ASP D 126 -3.16 24.86 -15.84
CA ASP D 126 -3.88 24.55 -17.10
C ASP D 126 -3.34 25.40 -18.26
N THR D 127 -2.01 25.50 -18.33
CA THR D 127 -1.35 26.36 -19.30
C THR D 127 -0.23 25.56 -19.99
N ASN D 128 -0.20 25.69 -21.31
CA ASN D 128 0.87 25.17 -22.16
C ASN D 128 1.86 26.32 -22.42
N TYR D 129 3.09 26.15 -21.93
CA TYR D 129 4.17 27.11 -22.12
C TYR D 129 5.08 26.62 -23.26
N THR D 130 5.41 27.53 -24.17
CA THR D 130 6.32 27.24 -25.27
C THR D 130 7.47 28.23 -25.19
N LEU D 131 8.67 27.70 -24.90
CA LEU D 131 9.91 28.46 -24.90
C LEU D 131 10.71 28.15 -26.16
N LYS D 132 11.14 29.21 -26.86
CA LYS D 132 11.94 29.07 -28.05
C LYS D 132 13.17 29.95 -27.94
N VAL D 133 14.25 29.44 -28.53
CA VAL D 133 15.52 30.07 -28.56
C VAL D 133 16.23 29.56 -29.81
N ASP D 134 16.89 30.43 -30.58
CA ASP D 134 17.78 29.99 -31.66
C ASP D 134 19.18 29.72 -31.07
N VAL D 135 19.78 28.59 -31.46
CA VAL D 135 21.06 28.11 -30.94
C VAL D 135 22.04 28.02 -32.12
N GLY D 136 23.21 28.65 -31.96
CA GLY D 136 24.19 28.86 -33.01
C GLY D 136 25.42 28.02 -32.78
N ASN D 137 25.90 27.40 -33.86
CA ASN D 137 27.14 26.67 -33.91
C ASN D 137 28.15 27.47 -34.76
N LEU D 138 29.06 28.20 -34.10
CA LEU D 138 30.03 29.13 -34.72
C LEU D 138 30.93 28.36 -35.69
N ALA D 139 31.28 28.98 -36.84
CA ALA D 139 32.07 28.37 -37.91
C ALA D 139 33.29 29.23 -38.28
N GLY D 140 34.26 28.57 -38.93
CA GLY D 140 35.37 29.22 -39.58
C GLY D 140 36.65 29.15 -38.75
N THR D 141 37.60 30.00 -39.17
CA THR D 141 38.90 30.15 -38.58
C THR D 141 39.14 31.66 -38.45
N PHE D 142 39.72 32.07 -37.33
CA PHE D 142 39.94 33.48 -37.02
C PHE D 142 41.26 33.54 -36.26
N LYS D 143 42.23 34.26 -36.83
CA LYS D 143 43.52 34.46 -36.16
C LYS D 143 44.07 33.11 -35.70
N GLY D 144 43.98 32.11 -36.56
CA GLY D 144 44.56 30.80 -36.33
C GLY D 144 43.71 29.92 -35.41
N LEU D 145 42.53 30.38 -34.96
CA LEU D 145 41.67 29.55 -34.11
C LEU D 145 40.59 28.91 -34.99
N SER D 146 40.46 27.59 -34.87
CA SER D 146 39.39 26.82 -35.50
C SER D 146 38.17 26.76 -34.58
N PHE D 147 37.00 27.11 -35.16
CA PHE D 147 35.76 27.06 -34.44
C PHE D 147 34.99 25.79 -34.76
N ALA D 148 35.63 24.82 -35.45
CA ALA D 148 34.99 23.56 -35.74
C ALA D 148 34.59 22.86 -34.44
N GLY D 149 33.47 22.15 -34.49
CA GLY D 149 32.95 21.40 -33.36
C GLY D 149 32.02 22.25 -32.50
N PHE D 150 31.40 21.62 -31.51
CA PHE D 150 30.25 22.21 -30.83
C PHE D 150 30.16 21.63 -29.41
N PRO D 151 29.88 22.45 -28.37
CA PRO D 151 29.95 21.94 -27.00
C PRO D 151 28.68 21.26 -26.50
N GLY D 152 27.60 21.35 -27.28
CA GLY D 152 26.31 20.93 -26.80
C GLY D 152 25.63 22.03 -26.01
N TYR D 153 24.30 22.01 -26.02
CA TYR D 153 23.50 23.07 -25.42
C TYR D 153 22.38 22.46 -24.59
N ARG D 154 21.89 23.23 -23.61
CA ARG D 154 20.64 22.87 -22.96
C ARG D 154 19.82 24.16 -22.76
N VAL D 155 18.58 24.13 -23.19
CA VAL D 155 17.63 25.21 -22.91
C VAL D 155 16.66 24.70 -21.84
N GLU D 156 16.50 25.49 -20.78
CA GLU D 156 15.68 25.08 -19.64
C GLU D 156 14.60 26.10 -19.37
N LEU D 157 13.40 25.62 -19.01
CA LEU D 157 12.37 26.45 -18.45
C LEU D 157 12.24 26.10 -16.96
N LEU D 158 12.19 27.16 -16.13
CA LEU D 158 12.20 27.06 -14.66
C LEU D 158 10.89 27.60 -14.10
N ALA D 159 10.54 27.09 -12.92
CA ALA D 159 9.65 27.71 -11.97
C ALA D 159 10.36 27.60 -10.62
N GLY D 160 10.67 28.75 -10.02
CA GLY D 160 11.54 28.78 -8.87
C GLY D 160 12.91 28.30 -9.29
N ASP D 161 13.47 27.33 -8.57
CA ASP D 161 14.75 26.76 -9.03
C ASP D 161 14.53 25.31 -9.47
N THR D 162 13.32 24.99 -9.91
CA THR D 162 13.04 23.72 -10.51
C THR D 162 13.11 23.85 -12.03
N VAL D 163 13.79 22.90 -12.67
CA VAL D 163 13.70 22.80 -14.15
C VAL D 163 12.44 21.99 -14.49
N LEU D 164 11.38 22.68 -14.93
CA LEU D 164 10.12 22.05 -15.37
C LEU D 164 10.35 21.18 -16.61
N ALA D 165 11.01 21.78 -17.61
CA ALA D 165 11.24 21.10 -18.91
C ALA D 165 12.57 21.58 -19.49
N ALA D 166 13.28 20.71 -20.24
CA ALA D 166 14.46 21.18 -20.93
C ALA D 166 14.77 20.33 -22.16
N ASP D 167 15.29 21.02 -23.19
CA ASP D 167 15.92 20.44 -24.36
C ASP D 167 17.43 20.32 -24.07
N HIS D 168 17.87 19.10 -23.82
CA HIS D 168 19.25 18.84 -23.66
C HIS D 168 19.81 18.30 -24.97
N ASN D 169 20.23 19.22 -25.83
CA ASN D 169 21.08 18.92 -26.97
C ASN D 169 20.39 17.99 -27.97
N ASN D 170 19.09 18.18 -28.22
CA ASN D 170 18.39 17.29 -29.17
C ASN D 170 18.59 17.71 -30.65
N LEU D 171 18.89 18.97 -30.93
CA LEU D 171 19.01 19.45 -32.32
C LEU D 171 20.43 19.16 -32.84
N PHE D 172 20.53 18.76 -34.11
CA PHE D 172 21.82 18.72 -34.74
C PHE D 172 22.02 20.05 -35.45
N ILE D 173 23.04 20.81 -35.04
CA ILE D 173 23.26 22.15 -35.55
C ILE D 173 24.55 22.14 -36.35
N LYS D 174 24.41 22.44 -37.64
CA LYS D 174 25.51 22.47 -38.61
C LYS D 174 26.36 23.72 -38.33
N GLU D 175 27.64 23.58 -38.63
CA GLU D 175 28.62 24.66 -38.50
C GLU D 175 28.15 25.86 -39.30
N GLY D 176 28.03 27.02 -38.66
CA GLY D 176 27.59 28.26 -39.32
C GLY D 176 26.08 28.39 -39.44
N GLU D 177 25.33 27.62 -38.64
CA GLU D 177 23.87 27.75 -38.63
C GLU D 177 23.35 27.98 -37.21
N PHE D 178 22.14 28.54 -37.16
CA PHE D 178 21.28 28.61 -35.97
C PHE D 178 20.10 27.67 -36.25
N LYS D 179 19.65 26.92 -35.24
CA LYS D 179 18.43 26.18 -35.28
C LYS D 179 17.59 26.51 -34.05
N THR D 180 16.26 26.52 -34.21
CA THR D 180 15.35 26.91 -33.13
C THR D 180 15.07 25.73 -32.21
N SER D 181 15.47 25.85 -30.93
CA SER D 181 15.10 24.91 -29.86
C SER D 181 13.73 25.29 -29.29
N THR D 182 12.89 24.26 -29.10
CA THR D 182 11.58 24.41 -28.52
C THR D 182 11.49 23.56 -27.25
N VAL D 183 11.07 24.20 -26.17
CA VAL D 183 10.87 23.57 -24.87
C VAL D 183 9.40 23.81 -24.47
N THR D 184 8.72 22.72 -24.13
CA THR D 184 7.28 22.71 -23.82
C THR D 184 7.08 22.25 -22.38
N TYR D 185 6.24 22.96 -21.62
CA TYR D 185 5.72 22.46 -20.36
C TYR D 185 4.22 22.75 -20.25
N THR D 186 3.48 21.74 -19.78
CA THR D 186 2.04 21.85 -19.47
C THR D 186 1.86 21.75 -17.96
N SER D 187 1.31 22.82 -17.36
CA SER D 187 0.92 22.85 -15.96
C SER D 187 -0.48 22.23 -15.78
N THR D 188 -0.66 21.63 -14.59
CA THR D 188 -1.96 21.13 -14.13
C THR D 188 -2.46 21.97 -12.95
N ALA D 189 -3.69 21.68 -12.54
CA ALA D 189 -4.39 22.38 -11.44
C ALA D 189 -3.63 22.28 -10.12
N LYS D 190 -3.06 21.13 -9.79
CA LYS D 190 -2.43 21.08 -8.45
C LYS D 190 -0.91 21.05 -8.51
N ASP D 191 -0.34 21.59 -9.59
CA ASP D 191 1.12 21.68 -9.76
C ASP D 191 1.73 22.33 -8.51
N LEU D 192 2.76 21.71 -7.97
CA LEU D 192 3.47 22.19 -6.76
C LEU D 192 4.04 23.59 -6.98
N HIS D 193 4.52 23.91 -8.18
CA HIS D 193 5.21 25.19 -8.49
C HIS D 193 4.27 26.35 -8.89
N LEU D 194 2.95 26.18 -8.83
CA LEU D 194 2.07 27.29 -9.18
C LEU D 194 2.47 28.50 -8.33
N GLY D 195 2.60 29.67 -8.97
CA GLY D 195 2.89 30.95 -8.27
C GLY D 195 4.38 31.23 -8.11
N GLN D 196 5.24 30.28 -8.47
CA GLN D 196 6.67 30.53 -8.47
C GLN D 196 7.05 31.27 -9.77
N LYS D 197 8.11 32.08 -9.70
CA LYS D 197 8.51 32.91 -10.83
C LYS D 197 9.01 32.00 -11.96
N LEU D 198 8.57 32.24 -13.19
CA LEU D 198 9.12 31.55 -14.37
C LEU D 198 10.57 31.99 -14.57
N GLY D 199 11.37 31.12 -15.19
CA GLY D 199 12.78 31.38 -15.38
C GLY D 199 13.29 30.72 -16.65
N ILE D 200 14.40 31.20 -17.17
CA ILE D 200 15.01 30.64 -18.42
C ILE D 200 16.50 30.46 -18.20
N ARG D 201 17.03 29.29 -18.59
CA ARG D 201 18.46 29.12 -18.59
C ARG D 201 18.90 28.62 -19.98
N LEU D 202 20.00 29.21 -20.44
CA LEU D 202 20.62 28.90 -21.72
C LEU D 202 22.03 28.40 -21.40
N VAL D 203 22.29 27.11 -21.64
CA VAL D 203 23.48 26.48 -21.06
C VAL D 203 24.42 25.90 -22.11
N ASN D 204 25.72 26.17 -21.92
CA ASN D 204 26.81 25.57 -22.65
C ASN D 204 27.25 24.34 -21.86
N LEU D 205 27.14 23.15 -22.47
CA LEU D 205 27.31 21.89 -21.79
C LEU D 205 28.79 21.47 -21.70
N LEU D 206 29.67 22.15 -22.46
CA LEU D 206 31.09 21.88 -22.49
C LEU D 206 31.36 20.37 -22.68
N GLN D 207 30.68 19.76 -23.65
CA GLN D 207 30.84 18.30 -23.91
C GLN D 207 31.97 18.06 -24.92
N ASP D 208 32.42 19.12 -25.61
CA ASP D 208 33.38 19.02 -26.71
C ASP D 208 33.85 20.45 -27.07
N LYS D 209 34.85 20.52 -27.95
CA LYS D 209 35.40 21.75 -28.49
C LYS D 209 35.17 21.79 -30.01
N PHE D 210 35.11 22.97 -30.63
CA PHE D 210 35.24 24.29 -30.03
C PHE D 210 34.06 24.58 -29.09
N SER D 211 34.34 25.15 -27.90
CA SER D 211 33.34 25.19 -26.81
C SER D 211 32.77 26.59 -26.59
N GLY D 212 32.47 27.27 -27.69
CA GLY D 212 31.60 28.45 -27.67
C GLY D 212 30.22 28.07 -28.17
N LEU D 213 29.20 28.78 -27.67
CA LEU D 213 27.82 28.48 -28.02
C LEU D 213 27.07 29.81 -28.04
N ASP D 214 26.26 30.02 -29.07
CA ASP D 214 25.54 31.27 -29.22
C ASP D 214 24.04 31.01 -29.09
N PHE D 215 23.32 32.02 -28.60
CA PHE D 215 21.87 32.01 -28.54
C PHE D 215 21.30 33.32 -29.06
N ASP D 216 20.07 33.28 -29.59
CA ASP D 216 19.35 34.50 -29.93
C ASP D 216 17.85 34.24 -29.89
N ASN D 217 17.11 35.35 -29.75
CA ASN D 217 15.68 35.44 -30.01
C ASN D 217 14.90 34.57 -29.02
N VAL D 218 15.07 34.86 -27.72
CA VAL D 218 14.36 34.13 -26.70
C VAL D 218 12.90 34.59 -26.70
N ARG D 219 11.97 33.63 -26.82
CA ARG D 219 10.53 33.90 -26.86
C ARG D 219 9.85 32.93 -25.90
N LEU D 220 8.95 33.41 -25.05
CA LEU D 220 8.19 32.51 -24.20
C LEU D 220 6.72 32.89 -24.29
N THR D 221 5.88 31.91 -24.67
CA THR D 221 4.44 32.09 -24.76
C THR D 221 3.70 31.16 -23.81
N ALA D 222 2.46 31.55 -23.52
CA ALA D 222 1.53 30.83 -22.67
C ALA D 222 0.17 30.76 -23.37
N GLU D 223 -0.46 29.59 -23.33
CA GLU D 223 -1.82 29.43 -23.85
C GLU D 223 -2.56 28.40 -23.02
N PRO D 224 -3.91 28.52 -22.89
CA PRO D 224 -4.72 27.56 -22.15
C PRO D 224 -4.62 26.17 -22.76
N THR D 225 -4.77 25.17 -21.90
CA THR D 225 -4.54 23.80 -22.21
C THR D 225 -5.70 23.26 -23.08
#